data_6ULE
#
_entry.id   6ULE
#
_cell.length_a   66.770
_cell.length_b   63.694
_cell.length_c   146.654
_cell.angle_alpha   90.000
_cell.angle_beta   100.997
_cell.angle_gamma   90.000
#
_symmetry.space_group_name_H-M   'P 1 21 1'
#
loop_
_entity.id
_entity.type
_entity.pdbx_description
1 polymer '2541 Antibody, heavy chain'
2 polymer '2541 Antibody, light chain'
3 polymer 'Circumsporozoite protein'
4 water water
#
loop_
_entity_poly.entity_id
_entity_poly.type
_entity_poly.pdbx_seq_one_letter_code
_entity_poly.pdbx_strand_id
1 'polypeptide(L)'
;QVQLVESGGGVVQPGRSLRLSCAASGFTFSSYGMHWVRQTTGKGLEWVAIIWHDGSKKYYADSVKGRLTISRDNSKNTLY
LQMNSLRVEDTALYYCARVGDYSDFKYGAFDIWGQGTMVTVSSASTKGPSVFPLAPSSKSTSGGTAALGCLVKDYFPEPV
TVSWNSGALTSGVHTFPAVLQSSGLYSLSSVVTVPSSSLGTQTYICNVNHKPSNTKVDKKVEPKSC
;
A,C
2 'polypeptide(L)'
;DIQMTQSPSTLSASVGDRVTITCRASQSISSWLAWYQQKPGKAPNLLIYKASTLESGVPSRFSGSGSGTEFTLTISSLQP
DDFATYYCQQYNSYWTFGQGTRVEIKRTVAAPSVFIFPPSDEQLKSGTASVVCLLNNFYPREAKVQWKVDNALQSGNSQE
SVTEQDSKDSTYSLSSTLTLSKADYEKHKVYACEVTHQGLSSPVTKSFNRGEC
;
B,D
3 'polypeptide(L)' NANPNANPNANPNANPNANP I
#
# COMPACT_ATOMS: atom_id res chain seq x y z
N GLN A 1 -7.32 10.52 0.69
CA GLN A 1 -8.35 9.48 0.56
C GLN A 1 -8.30 8.85 -0.82
N VAL A 2 -8.10 7.52 -0.86
CA VAL A 2 -8.02 6.81 -2.13
C VAL A 2 -9.43 6.69 -2.71
N GLN A 3 -9.61 7.19 -3.93
CA GLN A 3 -10.93 7.19 -4.54
C GLN A 3 -10.79 7.39 -6.05
N LEU A 4 -11.88 7.11 -6.76
CA LEU A 4 -11.97 7.32 -8.19
C LEU A 4 -13.27 8.05 -8.50
N VAL A 5 -13.19 9.14 -9.24
CA VAL A 5 -14.33 9.97 -9.59
C VAL A 5 -14.46 9.99 -11.10
N GLU A 6 -15.64 9.61 -11.60
CA GLU A 6 -15.88 9.46 -13.03
C GLU A 6 -16.81 10.57 -13.53
N SER A 7 -16.73 10.81 -14.83
CA SER A 7 -17.55 11.84 -15.47
C SER A 7 -17.65 11.53 -16.96
N GLY A 8 -18.47 12.31 -17.65
CA GLY A 8 -18.60 12.21 -19.09
C GLY A 8 -19.83 11.48 -19.58
N GLY A 9 -20.66 10.95 -18.69
CA GLY A 9 -21.83 10.20 -19.09
C GLY A 9 -22.90 11.07 -19.73
N GLY A 10 -24.02 10.43 -20.01
CA GLY A 10 -25.14 11.10 -20.63
C GLY A 10 -25.84 10.23 -21.65
N VAL A 11 -26.93 10.74 -22.22
CA VAL A 11 -27.70 10.04 -23.24
C VAL A 11 -27.37 10.62 -24.60
N VAL A 12 -27.00 9.75 -25.55
CA VAL A 12 -26.67 10.15 -26.90
C VAL A 12 -27.35 9.19 -27.87
N GLN A 13 -27.34 9.57 -29.15
CA GLN A 13 -27.97 8.78 -30.20
C GLN A 13 -26.98 7.81 -30.81
N PRO A 14 -27.46 6.74 -31.45
CA PRO A 14 -26.55 5.76 -32.05
C PRO A 14 -25.68 6.38 -33.12
N GLY A 15 -24.39 6.04 -33.08
CA GLY A 15 -23.42 6.58 -34.02
C GLY A 15 -22.64 7.78 -33.51
N ARG A 16 -23.11 8.44 -32.46
CA ARG A 16 -22.41 9.58 -31.90
C ARG A 16 -21.28 9.11 -30.99
N SER A 17 -20.58 10.08 -30.39
CA SER A 17 -19.41 9.82 -29.57
C SER A 17 -19.65 10.23 -28.13
N LEU A 18 -18.70 9.87 -27.26
CA LEU A 18 -18.77 10.19 -25.85
C LEU A 18 -17.44 9.83 -25.18
N ARG A 19 -16.88 10.77 -24.41
CA ARG A 19 -15.58 10.59 -23.76
C ARG A 19 -15.79 10.54 -22.26
N LEU A 20 -15.44 9.41 -21.65
CA LEU A 20 -15.58 9.20 -20.21
C LEU A 20 -14.27 9.49 -19.51
N SER A 21 -14.36 10.16 -18.37
CA SER A 21 -13.19 10.49 -17.54
C SER A 21 -13.25 9.74 -16.22
N CYS A 22 -12.08 9.52 -15.63
CA CYS A 22 -11.96 8.82 -14.35
C CYS A 22 -10.79 9.47 -13.60
N ALA A 23 -11.09 10.52 -12.85
CA ALA A 23 -10.06 11.24 -12.11
C ALA A 23 -9.70 10.49 -10.84
N ALA A 24 -8.40 10.28 -10.63
CA ALA A 24 -7.89 9.53 -9.49
C ALA A 24 -7.18 10.45 -8.53
N SER A 25 -7.36 10.20 -7.23
CA SER A 25 -6.68 10.97 -6.20
C SER A 25 -6.47 10.09 -4.98
N GLY A 26 -5.51 10.47 -4.15
CA GLY A 26 -5.21 9.75 -2.94
C GLY A 26 -4.16 8.66 -3.07
N PHE A 27 -3.76 8.31 -4.30
CA PHE A 27 -2.73 7.30 -4.51
C PHE A 27 -1.90 7.69 -5.73
N THR A 28 -0.89 6.88 -6.03
CA THR A 28 0.00 7.13 -7.15
C THR A 28 -0.62 6.54 -8.40
N PHE A 29 -1.25 7.40 -9.21
CA PHE A 29 -1.97 6.93 -10.39
C PHE A 29 -1.02 6.37 -11.44
N SER A 30 0.17 6.96 -11.57
CA SER A 30 1.10 6.55 -12.61
C SER A 30 1.60 5.13 -12.45
N SER A 31 1.45 4.54 -11.27
CA SER A 31 1.96 3.20 -10.97
C SER A 31 0.83 2.20 -10.78
N TYR A 32 -0.19 2.26 -11.64
CA TYR A 32 -1.30 1.33 -11.55
C TYR A 32 -1.94 1.15 -12.92
N GLY A 33 -2.15 -0.10 -13.31
CA GLY A 33 -2.99 -0.37 -14.46
C GLY A 33 -4.45 -0.17 -14.12
N MET A 34 -5.23 0.23 -15.12
CA MET A 34 -6.63 0.58 -14.92
C MET A 34 -7.51 -0.18 -15.89
N HIS A 35 -8.74 -0.43 -15.47
CA HIS A 35 -9.75 -1.11 -16.28
C HIS A 35 -10.97 -0.22 -16.45
N TRP A 36 -11.76 -0.54 -17.48
CA TRP A 36 -13.14 -0.10 -17.59
C TRP A 36 -14.03 -1.34 -17.54
N VAL A 37 -15.03 -1.31 -16.67
CA VAL A 37 -15.96 -2.43 -16.52
C VAL A 37 -17.36 -1.85 -16.50
N ARG A 38 -18.20 -2.28 -17.44
CA ARG A 38 -19.57 -1.82 -17.52
C ARG A 38 -20.52 -2.87 -16.92
N GLN A 39 -21.71 -2.39 -16.53
CA GLN A 39 -22.67 -3.24 -15.83
C GLN A 39 -24.06 -2.97 -16.36
N THR A 40 -24.80 -4.05 -16.62
CA THR A 40 -26.22 -3.99 -16.96
C THR A 40 -26.95 -5.04 -16.15
N THR A 41 -28.28 -4.90 -16.10
CA THR A 41 -29.12 -5.89 -15.43
C THR A 41 -29.37 -7.12 -16.30
N GLY A 42 -28.90 -7.14 -17.54
CA GLY A 42 -29.10 -8.26 -18.43
C GLY A 42 -27.83 -9.06 -18.67
N LYS A 43 -26.72 -8.36 -18.93
CA LYS A 43 -25.43 -9.02 -19.13
C LYS A 43 -24.60 -9.09 -17.86
N GLY A 44 -24.90 -8.26 -16.86
CA GLY A 44 -24.13 -8.28 -15.62
C GLY A 44 -22.86 -7.44 -15.74
N LEU A 45 -21.89 -7.79 -14.89
CA LEU A 45 -20.59 -7.14 -14.95
C LEU A 45 -19.80 -7.66 -16.14
N GLU A 46 -19.32 -6.73 -16.97
CA GLU A 46 -18.64 -7.09 -18.21
C GLU A 46 -17.40 -6.24 -18.36
N TRP A 47 -16.25 -6.90 -18.56
CA TRP A 47 -15.01 -6.17 -18.76
C TRP A 47 -14.99 -5.52 -20.14
N VAL A 48 -14.47 -4.29 -20.19
CA VAL A 48 -14.43 -3.51 -21.43
C VAL A 48 -13.01 -3.38 -21.96
N ALA A 49 -12.11 -2.77 -21.19
CA ALA A 49 -10.75 -2.53 -21.65
C ALA A 49 -9.82 -2.40 -20.45
N ILE A 50 -8.53 -2.57 -20.72
CA ILE A 50 -7.47 -2.44 -19.72
C ILE A 50 -6.36 -1.58 -20.30
N ILE A 51 -5.81 -0.69 -19.48
CA ILE A 51 -4.70 0.17 -19.85
C ILE A 51 -3.53 -0.12 -18.93
N TRP A 52 -2.32 -0.13 -19.47
CA TRP A 52 -1.13 -0.36 -18.67
C TRP A 52 -0.79 0.90 -17.87
N HIS A 53 0.11 0.73 -16.90
CA HIS A 53 0.49 1.85 -16.03
C HIS A 53 1.15 2.97 -16.82
N ASP A 54 1.93 2.62 -17.84
CA ASP A 54 2.56 3.60 -18.71
C ASP A 54 1.84 3.76 -20.04
N GLY A 55 0.74 3.04 -20.26
CA GLY A 55 0.01 3.10 -21.50
C GLY A 55 0.64 2.34 -22.65
N SER A 56 1.62 1.47 -22.36
CA SER A 56 2.32 0.77 -23.43
C SER A 56 1.51 -0.40 -23.98
N LYS A 57 0.64 -0.99 -23.17
CA LYS A 57 -0.20 -2.11 -23.59
C LYS A 57 -1.67 -1.78 -23.38
N LYS A 58 -2.49 -2.18 -24.33
CA LYS A 58 -3.94 -1.97 -24.28
C LYS A 58 -4.63 -3.22 -24.81
N TYR A 59 -5.74 -3.59 -24.16
CA TYR A 59 -6.51 -4.75 -24.55
C TYR A 59 -7.99 -4.46 -24.38
N TYR A 60 -8.78 -4.84 -25.38
CA TYR A 60 -10.21 -4.53 -25.42
C TYR A 60 -11.04 -5.79 -25.55
N ALA A 61 -12.26 -5.73 -25.04
CA ALA A 61 -13.21 -6.82 -25.27
C ALA A 61 -13.61 -6.87 -26.73
N ASP A 62 -14.11 -8.03 -27.16
CA ASP A 62 -14.47 -8.23 -28.56
C ASP A 62 -15.61 -7.30 -28.97
N SER A 63 -16.55 -7.05 -28.07
CA SER A 63 -17.75 -6.29 -28.41
C SER A 63 -17.47 -4.80 -28.57
N VAL A 64 -16.27 -4.32 -28.25
CA VAL A 64 -15.95 -2.90 -28.30
C VAL A 64 -14.75 -2.59 -29.18
N LYS A 65 -14.19 -3.58 -29.87
CA LYS A 65 -12.99 -3.35 -30.65
C LYS A 65 -13.23 -2.34 -31.76
N GLY A 66 -12.25 -1.48 -31.99
CA GLY A 66 -12.31 -0.50 -33.06
C GLY A 66 -13.14 0.72 -32.73
N ARG A 67 -14.22 0.53 -31.97
CA ARG A 67 -15.10 1.63 -31.60
C ARG A 67 -14.68 2.31 -30.30
N LEU A 68 -14.22 1.54 -29.32
CA LEU A 68 -13.80 2.07 -28.03
C LEU A 68 -12.29 2.02 -27.93
N THR A 69 -11.68 3.13 -27.52
CA THR A 69 -10.24 3.23 -27.32
C THR A 69 -9.99 3.80 -25.93
N ILE A 70 -9.09 3.16 -25.18
CA ILE A 70 -8.80 3.52 -23.80
C ILE A 70 -7.45 4.26 -23.77
N SER A 71 -7.39 5.33 -22.97
CA SER A 71 -6.18 6.12 -22.84
C SER A 71 -6.01 6.55 -21.40
N ARG A 72 -4.91 7.24 -21.12
CA ARG A 72 -4.54 7.58 -19.76
C ARG A 72 -3.63 8.81 -19.79
N ASP A 73 -3.85 9.73 -18.84
CA ASP A 73 -3.00 10.90 -18.67
C ASP A 73 -2.42 10.85 -17.26
N ASN A 74 -1.16 10.40 -17.15
CA ASN A 74 -0.52 10.35 -15.84
C ASN A 74 -0.20 11.73 -15.30
N SER A 75 -0.06 12.72 -16.19
CA SER A 75 0.21 14.09 -15.75
C SER A 75 -0.98 14.71 -15.03
N LYS A 76 -2.19 14.18 -15.22
CA LYS A 76 -3.39 14.71 -14.61
C LYS A 76 -4.14 13.69 -13.76
N ASN A 77 -3.62 12.48 -13.64
CA ASN A 77 -4.23 11.43 -12.80
C ASN A 77 -5.66 11.12 -13.22
N THR A 78 -5.89 11.08 -14.54
CA THR A 78 -7.21 10.82 -15.09
C THR A 78 -7.16 9.69 -16.10
N LEU A 79 -8.16 8.81 -16.05
CA LEU A 79 -8.33 7.72 -16.99
C LEU A 79 -9.45 8.06 -17.96
N TYR A 80 -9.22 7.77 -19.25
CA TYR A 80 -10.15 8.14 -20.30
C TYR A 80 -10.71 6.90 -21.00
N LEU A 81 -11.83 7.10 -21.68
CA LEU A 81 -12.45 6.05 -22.48
C LEU A 81 -13.20 6.73 -23.63
N GLN A 82 -12.60 6.69 -24.82
CA GLN A 82 -13.19 7.29 -26.00
C GLN A 82 -14.15 6.29 -26.64
N MET A 83 -15.43 6.67 -26.76
CA MET A 83 -16.46 5.81 -27.31
C MET A 83 -16.97 6.42 -28.60
N ASN A 84 -16.83 5.68 -29.70
CA ASN A 84 -17.27 6.12 -31.02
C ASN A 84 -18.18 5.06 -31.63
N SER A 85 -18.97 5.49 -32.61
CA SER A 85 -19.93 4.61 -33.29
C SER A 85 -20.80 3.86 -32.29
N LEU A 86 -21.32 4.60 -31.31
CA LEU A 86 -22.02 3.99 -30.19
C LEU A 86 -23.28 3.27 -30.64
N ARG A 87 -23.40 2.01 -30.23
CA ARG A 87 -24.61 1.23 -30.45
C ARG A 87 -25.45 1.22 -29.17
N VAL A 88 -26.72 0.84 -29.33
CA VAL A 88 -27.60 0.74 -28.17
C VAL A 88 -27.15 -0.36 -27.23
N GLU A 89 -26.38 -1.33 -27.73
CA GLU A 89 -25.80 -2.38 -26.91
C GLU A 89 -24.73 -1.85 -25.95
N ASP A 90 -24.25 -0.62 -26.16
CA ASP A 90 -23.28 -0.01 -25.26
C ASP A 90 -23.93 0.64 -24.05
N THR A 91 -25.27 0.67 -23.99
CA THR A 91 -25.96 1.25 -22.85
C THR A 91 -25.67 0.48 -21.57
N ALA A 92 -24.99 1.11 -20.63
CA ALA A 92 -24.58 0.47 -19.39
C ALA A 92 -24.13 1.54 -18.41
N LEU A 93 -23.94 1.11 -17.16
CA LEU A 93 -23.23 1.91 -16.17
C LEU A 93 -21.76 1.52 -16.23
N TYR A 94 -20.89 2.50 -16.46
CA TYR A 94 -19.48 2.24 -16.69
C TYR A 94 -18.67 2.55 -15.43
N TYR A 95 -17.81 1.62 -15.04
CA TYR A 95 -16.92 1.78 -13.90
C TYR A 95 -15.47 1.84 -14.37
N CYS A 96 -14.63 2.49 -13.57
CA CYS A 96 -13.18 2.37 -13.70
C CYS A 96 -12.64 1.74 -12.43
N ALA A 97 -11.79 0.72 -12.59
CA ALA A 97 -11.29 -0.06 -11.47
C ALA A 97 -9.77 -0.11 -11.50
N ARG A 98 -9.17 -0.06 -10.32
CA ARG A 98 -7.72 -0.16 -10.19
C ARG A 98 -7.31 -1.61 -9.97
N VAL A 99 -6.24 -2.02 -10.66
CA VAL A 99 -5.72 -3.37 -10.50
C VAL A 99 -4.98 -3.46 -9.18
N GLY A 100 -5.38 -4.41 -8.34
CA GLY A 100 -4.67 -4.62 -7.08
C GLY A 100 -3.24 -5.06 -7.34
N ASP A 101 -2.32 -4.51 -6.55
CA ASP A 101 -0.89 -4.82 -6.71
C ASP A 101 -0.52 -5.97 -5.77
N TYR A 102 -1.00 -7.15 -6.13
CA TYR A 102 -0.75 -8.38 -5.37
C TYR A 102 0.11 -9.30 -6.24
N SER A 103 1.37 -9.48 -5.85
CA SER A 103 2.33 -10.20 -6.67
C SER A 103 1.89 -11.64 -6.93
N ASP A 104 1.77 -11.99 -8.20
CA ASP A 104 1.40 -13.34 -8.62
C ASP A 104 1.73 -13.48 -10.11
N PHE A 105 1.31 -14.59 -10.70
CA PHE A 105 1.51 -14.78 -12.14
C PHE A 105 0.46 -14.04 -12.95
N LYS A 106 -0.79 -14.03 -12.46
CA LYS A 106 -1.89 -13.32 -13.10
C LYS A 106 -2.36 -12.19 -12.21
N TYR A 107 -2.89 -11.15 -12.83
CA TYR A 107 -3.36 -9.95 -12.12
C TYR A 107 -4.75 -9.59 -12.64
N GLY A 108 -5.71 -9.50 -11.72
CA GLY A 108 -7.06 -9.16 -12.12
C GLY A 108 -8.01 -8.84 -10.97
N ALA A 109 -7.47 -8.69 -9.76
CA ALA A 109 -8.25 -8.26 -8.61
C ALA A 109 -8.38 -6.75 -8.60
N PHE A 110 -9.59 -6.26 -8.40
CA PHE A 110 -9.89 -4.83 -8.45
C PHE A 110 -10.21 -4.35 -7.03
N ASP A 111 -9.31 -3.55 -6.46
CA ASP A 111 -9.44 -3.12 -5.07
C ASP A 111 -10.05 -1.74 -4.90
N ILE A 112 -10.07 -0.92 -5.96
CA ILE A 112 -10.67 0.41 -5.91
C ILE A 112 -11.57 0.58 -7.12
N TRP A 113 -12.83 0.98 -6.88
CA TRP A 113 -13.83 1.13 -7.92
C TRP A 113 -14.36 2.56 -7.93
N GLY A 114 -14.59 3.09 -9.12
CA GLY A 114 -15.26 4.37 -9.24
C GLY A 114 -16.73 4.27 -8.90
N GLN A 115 -17.36 5.44 -8.74
CA GLN A 115 -18.77 5.47 -8.36
C GLN A 115 -19.68 5.06 -9.52
N GLY A 116 -19.16 5.06 -10.75
CA GLY A 116 -19.95 4.68 -11.91
C GLY A 116 -20.54 5.89 -12.63
N THR A 117 -20.52 5.83 -13.96
CA THR A 117 -21.17 6.82 -14.81
C THR A 117 -22.03 6.10 -15.83
N MET A 118 -23.19 6.69 -16.13
CA MET A 118 -24.21 6.02 -16.93
C MET A 118 -24.16 6.49 -18.37
N VAL A 119 -24.18 5.53 -19.29
CA VAL A 119 -24.21 5.80 -20.73
C VAL A 119 -25.48 5.16 -21.28
N THR A 120 -26.34 5.98 -21.88
CA THR A 120 -27.59 5.51 -22.49
C THR A 120 -27.56 5.88 -23.97
N VAL A 121 -27.48 4.86 -24.83
CA VAL A 121 -27.51 5.05 -26.28
C VAL A 121 -28.88 4.60 -26.78
N SER A 122 -29.57 5.49 -27.49
CA SER A 122 -30.92 5.21 -27.96
CA SER A 122 -30.90 5.19 -28.00
C SER A 122 -31.27 6.22 -29.05
N SER A 123 -32.02 5.76 -30.06
CA SER A 123 -32.51 6.64 -31.12
C SER A 123 -33.74 7.43 -30.70
N ALA A 124 -34.27 7.17 -29.50
CA ALA A 124 -35.44 7.89 -29.02
C ALA A 124 -35.09 9.34 -28.72
N SER A 125 -36.14 10.16 -28.64
CA SER A 125 -36.04 11.57 -28.28
C SER A 125 -36.81 11.82 -27.00
N THR A 126 -36.63 13.02 -26.45
CA THR A 126 -37.32 13.39 -25.21
C THR A 126 -38.82 13.37 -25.43
N LYS A 127 -39.53 12.63 -24.58
CA LYS A 127 -40.98 12.53 -24.66
C LYS A 127 -41.57 12.49 -23.26
N GLY A 128 -42.62 13.29 -23.03
CA GLY A 128 -43.33 13.26 -21.79
C GLY A 128 -44.20 12.03 -21.69
N PRO A 129 -44.54 11.62 -20.47
CA PRO A 129 -45.28 10.37 -20.28
C PRO A 129 -46.78 10.55 -20.43
N SER A 130 -47.44 9.43 -20.73
CA SER A 130 -48.89 9.33 -20.66
C SER A 130 -49.25 8.58 -19.39
N VAL A 131 -50.20 9.12 -18.63
CA VAL A 131 -50.58 8.57 -17.33
C VAL A 131 -51.99 8.01 -17.46
N PHE A 132 -52.13 6.69 -17.34
CA PHE A 132 -53.41 6.00 -17.41
C PHE A 132 -53.76 5.40 -16.05
N PRO A 133 -55.04 5.29 -15.72
CA PRO A 133 -55.44 4.78 -14.40
C PRO A 133 -55.59 3.28 -14.36
N LEU A 134 -55.38 2.74 -13.16
CA LEU A 134 -55.60 1.34 -12.85
C LEU A 134 -56.76 1.31 -11.85
N ALA A 135 -57.99 1.23 -12.37
CA ALA A 135 -59.16 1.46 -11.55
C ALA A 135 -59.42 0.28 -10.62
N PRO A 136 -59.86 0.53 -9.39
CA PRO A 136 -60.12 -0.56 -8.45
C PRO A 136 -61.38 -1.32 -8.85
N SER A 137 -61.41 -2.60 -8.49
CA SER A 137 -62.45 -3.52 -8.91
C SER A 137 -63.43 -3.73 -7.76
N SER A 138 -64.09 -4.89 -7.74
CA SER A 138 -65.14 -5.16 -6.77
C SER A 138 -64.58 -5.22 -5.35
N LYS A 139 -65.30 -4.61 -4.42
CA LYS A 139 -64.86 -4.47 -3.04
C LYS A 139 -65.55 -5.49 -2.16
N SER A 140 -64.76 -6.24 -1.39
CA SER A 140 -65.27 -7.25 -0.46
C SER A 140 -66.19 -8.25 -1.14
N SER A 142 -62.01 -9.06 -1.60
CA SER A 142 -60.60 -9.46 -1.62
C SER A 142 -59.90 -9.06 -0.33
N GLY A 143 -60.47 -9.50 0.80
CA GLY A 143 -59.91 -9.20 2.09
C GLY A 143 -60.23 -7.82 2.64
N GLY A 144 -61.19 -7.11 2.04
CA GLY A 144 -61.55 -5.79 2.50
C GLY A 144 -60.60 -4.68 2.10
N THR A 145 -59.59 -4.99 1.27
CA THR A 145 -58.63 -4.00 0.80
C THR A 145 -58.63 -4.00 -0.72
N ALA A 146 -58.66 -2.81 -1.31
CA ALA A 146 -58.65 -2.65 -2.75
C ALA A 146 -57.28 -2.18 -3.22
N ALA A 147 -57.00 -2.42 -4.50
CA ALA A 147 -55.76 -2.02 -5.13
C ALA A 147 -56.06 -1.07 -6.28
N LEU A 148 -55.28 0.00 -6.35
CA LEU A 148 -55.41 0.98 -7.43
C LEU A 148 -54.04 1.59 -7.69
N GLY A 149 -53.91 2.22 -8.86
CA GLY A 149 -52.64 2.85 -9.21
C GLY A 149 -52.75 3.56 -10.54
N CYS A 150 -51.60 3.99 -11.05
CA CYS A 150 -51.48 4.69 -12.32
CA CYS A 150 -51.58 4.57 -12.38
C CYS A 150 -50.41 4.02 -13.17
N LEU A 151 -50.60 3.98 -14.48
CA LEU A 151 -49.64 3.42 -15.42
C LEU A 151 -49.01 4.57 -16.20
N VAL A 152 -47.70 4.73 -16.06
CA VAL A 152 -46.97 5.84 -16.67
C VAL A 152 -46.24 5.28 -17.88
N LYS A 153 -46.80 5.51 -19.07
CA LYS A 153 -46.33 4.87 -20.29
C LYS A 153 -45.64 5.86 -21.21
N ASP A 154 -44.67 5.36 -21.98
CA ASP A 154 -44.11 6.06 -23.13
C ASP A 154 -43.45 7.38 -22.77
N TYR A 155 -42.35 7.32 -22.03
CA TYR A 155 -41.54 8.51 -21.76
C TYR A 155 -40.07 8.20 -22.00
N PHE A 156 -39.29 9.27 -22.18
CA PHE A 156 -37.86 9.17 -22.36
C PHE A 156 -37.19 10.51 -22.10
N PRO A 157 -36.05 10.54 -21.39
CA PRO A 157 -35.45 9.36 -20.75
C PRO A 157 -35.83 9.24 -19.28
N GLU A 158 -34.92 8.64 -18.50
CA GLU A 158 -35.08 8.46 -17.08
C GLU A 158 -34.70 9.73 -16.32
N PRO A 159 -35.25 9.96 -15.12
CA PRO A 159 -36.27 9.13 -14.47
C PRO A 159 -37.66 9.77 -14.46
N VAL A 160 -38.56 9.19 -13.68
CA VAL A 160 -39.87 9.76 -13.42
C VAL A 160 -40.18 9.56 -11.94
N THR A 161 -40.74 10.59 -11.31
CA THR A 161 -41.11 10.52 -9.91
C THR A 161 -42.62 10.40 -9.79
N VAL A 162 -43.07 9.59 -8.84
CA VAL A 162 -44.49 9.35 -8.60
C VAL A 162 -44.77 9.48 -7.12
N SER A 163 -45.74 10.33 -6.78
CA SER A 163 -46.26 10.45 -5.42
C SER A 163 -47.76 10.25 -5.45
N TRP A 164 -48.36 10.14 -4.27
CA TRP A 164 -49.79 9.90 -4.14
C TRP A 164 -50.38 10.93 -3.18
N ASN A 165 -51.40 11.65 -3.67
CA ASN A 165 -52.04 12.72 -2.90
C ASN A 165 -51.02 13.74 -2.42
N SER A 166 -50.11 14.14 -3.32
CA SER A 166 -49.04 15.09 -3.04
C SER A 166 -48.16 14.64 -1.86
N GLY A 167 -47.92 13.34 -1.74
CA GLY A 167 -47.06 12.82 -0.70
C GLY A 167 -47.76 12.44 0.59
N ALA A 168 -49.01 12.88 0.78
CA ALA A 168 -49.76 12.58 1.99
C ALA A 168 -50.28 11.15 2.04
N LEU A 169 -49.92 10.31 1.06
CA LEU A 169 -50.31 8.91 1.03
C LEU A 169 -49.09 8.09 0.65
N THR A 170 -48.47 7.45 1.64
CA THR A 170 -47.32 6.59 1.42
C THR A 170 -47.49 5.17 1.92
N SER A 171 -48.41 4.91 2.85
CA SER A 171 -48.67 3.56 3.30
C SER A 171 -49.35 2.76 2.20
N GLY A 172 -48.73 1.67 1.78
CA GLY A 172 -49.24 0.82 0.73
C GLY A 172 -48.70 1.11 -0.66
N VAL A 173 -47.96 2.20 -0.83
CA VAL A 173 -47.46 2.57 -2.15
C VAL A 173 -46.34 1.63 -2.58
N HIS A 174 -46.46 1.07 -3.77
CA HIS A 174 -45.41 0.25 -4.38
C HIS A 174 -45.17 0.81 -5.78
N THR A 175 -44.06 1.52 -5.96
CA THR A 175 -43.68 2.07 -7.25
C THR A 175 -42.58 1.18 -7.83
N PHE A 176 -42.89 0.49 -8.91
CA PHE A 176 -42.01 -0.52 -9.45
C PHE A 176 -40.99 0.11 -10.39
N PRO A 177 -39.82 -0.52 -10.55
CA PRO A 177 -38.82 0.01 -11.48
C PRO A 177 -39.35 -0.01 -12.91
N ALA A 178 -38.97 1.02 -13.66
CA ALA A 178 -39.41 1.15 -15.04
C ALA A 178 -38.85 0.04 -15.92
N VAL A 179 -39.54 -0.22 -17.01
CA VAL A 179 -39.09 -1.18 -18.01
C VAL A 179 -38.97 -0.46 -19.35
N LEU A 180 -38.03 -0.92 -20.17
CA LEU A 180 -37.81 -0.36 -21.50
C LEU A 180 -38.61 -1.17 -22.51
N GLN A 181 -39.59 -0.53 -23.14
CA GLN A 181 -40.45 -1.21 -24.10
C GLN A 181 -39.72 -1.40 -25.43
N SER A 182 -40.33 -2.19 -26.31
CA SER A 182 -39.76 -2.44 -27.63
C SER A 182 -39.59 -1.17 -28.45
N SER A 183 -40.35 -0.12 -28.12
CA SER A 183 -40.28 1.15 -28.84
C SER A 183 -39.16 2.06 -28.34
N GLY A 184 -38.30 1.58 -27.43
CA GLY A 184 -37.29 2.43 -26.85
C GLY A 184 -37.82 3.46 -25.88
N LEU A 185 -39.06 3.30 -25.43
CA LEU A 185 -39.70 4.22 -24.49
C LEU A 185 -39.95 3.49 -23.19
N TYR A 186 -39.72 4.19 -22.08
CA TYR A 186 -39.85 3.58 -20.76
C TYR A 186 -41.30 3.59 -20.29
N SER A 187 -41.66 2.56 -19.53
CA SER A 187 -42.98 2.42 -18.94
C SER A 187 -42.82 2.08 -17.46
N LEU A 188 -43.65 2.71 -16.63
CA LEU A 188 -43.54 2.55 -15.18
C LEU A 188 -44.93 2.43 -14.57
N SER A 189 -45.05 1.57 -13.57
CA SER A 189 -46.31 1.33 -12.87
C SER A 189 -46.16 1.71 -11.40
N SER A 190 -47.20 2.33 -10.84
CA SER A 190 -47.22 2.73 -9.44
C SER A 190 -48.59 2.42 -8.87
N VAL A 191 -48.63 1.64 -7.79
CA VAL A 191 -49.88 1.20 -7.19
C VAL A 191 -49.88 1.55 -5.71
N VAL A 192 -51.07 1.47 -5.10
CA VAL A 192 -51.24 1.67 -3.67
C VAL A 192 -52.41 0.83 -3.20
N THR A 193 -52.29 0.29 -1.99
CA THR A 193 -53.36 -0.50 -1.38
C THR A 193 -54.11 0.34 -0.36
N VAL A 194 -55.43 0.36 -0.48
CA VAL A 194 -56.28 1.19 0.37
C VAL A 194 -57.49 0.38 0.81
N PRO A 195 -58.15 0.79 1.90
CA PRO A 195 -59.37 0.09 2.32
C PRO A 195 -60.47 0.20 1.28
N SER A 196 -61.32 -0.83 1.23
CA SER A 196 -62.44 -0.83 0.29
C SER A 196 -63.51 0.16 0.70
N SER A 197 -63.62 0.48 1.99
CA SER A 197 -64.63 1.40 2.47
C SER A 197 -64.35 2.85 2.13
N SER A 198 -63.15 3.16 1.63
CA SER A 198 -62.76 4.53 1.33
C SER A 198 -62.79 4.85 -0.16
N LEU A 199 -63.18 3.90 -1.01
CA LEU A 199 -63.12 4.13 -2.45
C LEU A 199 -64.09 5.24 -2.87
N GLY A 200 -65.30 5.22 -2.34
CA GLY A 200 -66.29 6.23 -2.67
C GLY A 200 -66.22 7.49 -1.84
N THR A 201 -65.31 7.57 -0.86
CA THR A 201 -65.24 8.70 0.04
C THR A 201 -63.85 9.32 0.17
N GLN A 202 -62.84 8.82 -0.56
CA GLN A 202 -61.49 9.34 -0.45
C GLN A 202 -60.90 9.50 -1.84
N THR A 203 -60.37 10.70 -2.12
CA THR A 203 -59.78 10.99 -3.42
C THR A 203 -58.35 10.45 -3.47
N TYR A 204 -58.01 9.80 -4.58
CA TYR A 204 -56.66 9.29 -4.81
C TYR A 204 -56.13 9.90 -6.11
N ILE A 205 -55.08 10.71 -6.00
CA ILE A 205 -54.46 11.36 -7.14
C ILE A 205 -52.99 10.98 -7.13
N CYS A 206 -52.52 10.39 -8.22
CA CYS A 206 -51.10 10.09 -8.39
C CYS A 206 -50.44 11.25 -9.13
N ASN A 207 -49.36 11.76 -8.56
CA ASN A 207 -48.66 12.92 -9.09
C ASN A 207 -47.42 12.44 -9.84
N VAL A 208 -47.42 12.60 -11.16
CA VAL A 208 -46.34 12.16 -12.03
C VAL A 208 -45.54 13.38 -12.47
N ASN A 209 -44.22 13.32 -12.30
CA ASN A 209 -43.34 14.41 -12.71
C ASN A 209 -42.21 13.82 -13.54
N HIS A 210 -42.03 14.34 -14.75
CA HIS A 210 -40.96 13.92 -15.66
C HIS A 210 -40.13 15.16 -16.01
N LYS A 211 -39.08 15.39 -15.23
CA LYS A 211 -38.23 16.55 -15.46
C LYS A 211 -37.56 16.58 -16.83
N PRO A 212 -37.05 15.48 -17.39
CA PRO A 212 -36.41 15.56 -18.72
C PRO A 212 -37.28 16.21 -19.79
N SER A 213 -38.61 16.14 -19.65
CA SER A 213 -39.51 16.82 -20.57
C SER A 213 -40.28 17.96 -19.92
N ASN A 214 -40.01 18.27 -18.64
CA ASN A 214 -40.75 19.30 -17.90
C ASN A 214 -42.24 19.02 -17.91
N THR A 215 -42.61 17.80 -17.54
CA THR A 215 -44.00 17.35 -17.58
C THR A 215 -44.49 17.06 -16.16
N LYS A 216 -45.63 17.63 -15.81
CA LYS A 216 -46.28 17.38 -14.52
C LYS A 216 -47.72 17.00 -14.77
N VAL A 217 -48.13 15.86 -14.24
CA VAL A 217 -49.47 15.32 -14.47
C VAL A 217 -50.06 14.90 -13.12
N ASP A 218 -51.28 15.37 -12.85
CA ASP A 218 -52.04 14.97 -11.68
C ASP A 218 -53.23 14.14 -12.15
N LYS A 219 -53.23 12.86 -11.83
CA LYS A 219 -54.19 11.90 -12.36
C LYS A 219 -55.06 11.36 -11.22
N LYS A 220 -56.37 11.61 -11.30
CA LYS A 220 -57.30 11.09 -10.31
C LYS A 220 -57.77 9.71 -10.71
N VAL A 221 -57.65 8.76 -9.80
CA VAL A 221 -58.07 7.37 -10.03
C VAL A 221 -59.29 7.09 -9.17
N GLU A 222 -60.37 6.67 -9.80
CA GLU A 222 -61.62 6.37 -9.14
C GLU A 222 -62.20 5.10 -9.74
N PRO A 223 -63.01 4.35 -8.99
CA PRO A 223 -63.58 3.12 -9.53
C PRO A 223 -64.55 3.40 -10.67
N LYS A 224 -64.79 2.35 -11.46
CA LYS A 224 -65.69 2.44 -12.60
C LYS A 224 -66.94 1.60 -12.36
N ASP B 1 -13.17 -17.66 -23.70
CA ASP B 1 -14.29 -17.22 -22.87
C ASP B 1 -14.54 -18.21 -21.73
N ILE B 2 -14.13 -17.83 -20.53
CA ILE B 2 -14.33 -18.65 -19.33
C ILE B 2 -15.58 -18.13 -18.62
N GLN B 3 -16.55 -19.01 -18.38
CA GLN B 3 -17.83 -18.63 -17.82
C GLN B 3 -17.88 -18.91 -16.32
N MET B 4 -18.33 -17.92 -15.55
CA MET B 4 -18.46 -18.03 -14.10
C MET B 4 -19.93 -18.20 -13.74
N THR B 5 -20.26 -19.31 -13.10
CA THR B 5 -21.62 -19.61 -12.68
C THR B 5 -21.67 -19.67 -11.16
N GLN B 6 -22.64 -18.97 -10.57
CA GLN B 6 -22.77 -18.88 -9.12
C GLN B 6 -24.03 -19.61 -8.66
N SER B 7 -23.92 -20.34 -7.54
CA SER B 7 -25.03 -21.07 -6.96
C SER B 7 -25.07 -20.78 -5.46
N PRO B 8 -26.23 -20.40 -4.91
CA PRO B 8 -27.46 -20.16 -5.69
C PRO B 8 -27.53 -18.73 -6.18
N SER B 9 -28.57 -18.40 -6.94
CA SER B 9 -28.75 -17.02 -7.41
CA SER B 9 -28.73 -17.03 -7.41
C SER B 9 -29.32 -16.12 -6.32
N THR B 10 -30.22 -16.66 -5.51
CA THR B 10 -30.84 -15.91 -4.41
C THR B 10 -30.93 -16.81 -3.19
N LEU B 11 -30.64 -16.26 -2.03
CA LEU B 11 -30.72 -17.02 -0.78
C LEU B 11 -31.20 -16.09 0.34
N SER B 12 -32.01 -16.65 1.23
CA SER B 12 -32.45 -15.94 2.42
C SER B 12 -31.51 -16.25 3.58
N ALA B 13 -31.38 -15.28 4.49
CA ALA B 13 -30.55 -15.43 5.66
C ALA B 13 -30.93 -14.40 6.70
N SER B 14 -30.63 -14.71 7.95
CA SER B 14 -30.85 -13.81 9.08
C SER B 14 -29.50 -13.31 9.59
N VAL B 15 -29.58 -12.34 10.50
CA VAL B 15 -28.37 -11.81 11.13
C VAL B 15 -27.79 -12.88 12.05
N GLY B 16 -26.53 -13.24 11.80
CA GLY B 16 -25.86 -14.29 12.55
C GLY B 16 -25.78 -15.63 11.85
N ASP B 17 -26.25 -15.73 10.61
CA ASP B 17 -26.26 -16.99 9.90
C ASP B 17 -24.91 -17.28 9.26
N ARG B 18 -24.70 -18.55 8.93
CA ARG B 18 -23.55 -18.98 8.14
C ARG B 18 -24.02 -19.21 6.72
N VAL B 19 -23.63 -18.33 5.81
CA VAL B 19 -24.03 -18.42 4.42
C VAL B 19 -22.84 -18.91 3.59
N THR B 20 -23.16 -19.64 2.53
CA THR B 20 -22.15 -20.26 1.67
C THR B 20 -22.56 -20.06 0.22
N ILE B 21 -21.67 -19.48 -0.58
CA ILE B 21 -21.94 -19.15 -1.97
C ILE B 21 -20.95 -19.90 -2.85
N THR B 22 -21.47 -20.60 -3.85
CA THR B 22 -20.66 -21.43 -4.75
C THR B 22 -20.42 -20.69 -6.07
N CYS B 23 -19.23 -20.86 -6.62
CA CYS B 23 -18.84 -20.25 -7.90
C CYS B 23 -18.18 -21.32 -8.76
N ARG B 24 -18.88 -21.74 -9.82
CA ARG B 24 -18.34 -22.74 -10.73
C ARG B 24 -17.57 -22.08 -11.86
N ALA B 25 -16.57 -22.79 -12.38
CA ALA B 25 -15.74 -22.32 -13.48
C ALA B 25 -15.88 -23.27 -14.66
N SER B 26 -16.04 -22.70 -15.86
CA SER B 26 -16.18 -23.51 -17.06
C SER B 26 -14.93 -24.30 -17.36
N GLN B 27 -13.76 -23.77 -16.98
CA GLN B 27 -12.49 -24.48 -17.10
C GLN B 27 -11.63 -24.11 -15.91
N SER B 28 -10.52 -24.84 -15.77
CA SER B 28 -9.64 -24.64 -14.61
C SER B 28 -9.04 -23.24 -14.62
N ILE B 29 -9.14 -22.57 -13.48
CA ILE B 29 -8.57 -21.23 -13.31
C ILE B 29 -7.59 -21.19 -12.14
N SER B 30 -7.11 -22.36 -11.70
CA SER B 30 -6.23 -22.48 -10.55
C SER B 30 -6.82 -21.78 -9.34
N SER B 31 -6.14 -20.75 -8.83
CA SER B 31 -6.63 -19.95 -7.72
C SER B 31 -6.84 -18.49 -8.11
N TRP B 32 -6.88 -18.19 -9.41
CA TRP B 32 -7.04 -16.81 -9.86
C TRP B 32 -8.53 -16.45 -9.79
N LEU B 33 -8.98 -16.15 -8.58
CA LEU B 33 -10.38 -15.83 -8.34
C LEU B 33 -10.51 -14.69 -7.37
N ALA B 34 -11.51 -13.84 -7.61
CA ALA B 34 -11.81 -12.71 -6.73
C ALA B 34 -13.29 -12.73 -6.37
N TRP B 35 -13.60 -12.27 -5.16
CA TRP B 35 -14.97 -12.13 -4.68
C TRP B 35 -15.26 -10.66 -4.42
N TYR B 36 -16.42 -10.20 -4.86
CA TYR B 36 -16.85 -8.82 -4.66
C TYR B 36 -18.19 -8.77 -3.96
N GLN B 37 -18.48 -7.61 -3.37
CA GLN B 37 -19.78 -7.32 -2.77
C GLN B 37 -20.28 -6.00 -3.35
N GLN B 38 -21.54 -5.98 -3.78
CA GLN B 38 -22.15 -4.78 -4.34
C GLN B 38 -23.48 -4.53 -3.67
N LYS B 39 -23.64 -3.35 -3.10
CA LYS B 39 -24.88 -2.86 -2.53
C LYS B 39 -25.61 -2.00 -3.54
N PRO B 40 -26.94 -1.95 -3.48
CA PRO B 40 -27.70 -1.20 -4.49
C PRO B 40 -27.29 0.26 -4.55
N GLY B 41 -26.98 0.72 -5.77
CA GLY B 41 -26.54 2.08 -5.99
C GLY B 41 -25.07 2.32 -5.77
N LYS B 42 -24.31 1.32 -5.33
CA LYS B 42 -22.91 1.46 -5.02
C LYS B 42 -22.07 0.52 -5.88
N ALA B 43 -20.81 0.91 -6.09
CA ALA B 43 -19.86 0.07 -6.82
C ALA B 43 -19.54 -1.18 -6.02
N PRO B 44 -19.03 -2.23 -6.67
CA PRO B 44 -18.61 -3.41 -5.93
C PRO B 44 -17.33 -3.18 -5.14
N ASN B 45 -17.21 -3.92 -4.03
CA ASN B 45 -16.05 -3.86 -3.16
C ASN B 45 -15.41 -5.24 -3.07
N LEU B 46 -14.09 -5.30 -3.21
CA LEU B 46 -13.37 -6.56 -3.20
C LEU B 46 -13.30 -7.11 -1.78
N LEU B 47 -13.60 -8.40 -1.63
CA LEU B 47 -13.44 -9.11 -0.35
C LEU B 47 -12.28 -10.08 -0.40
N ILE B 48 -12.29 -11.01 -1.35
CA ILE B 48 -11.32 -12.09 -1.42
C ILE B 48 -10.63 -12.02 -2.78
N TYR B 49 -9.31 -12.20 -2.77
CA TYR B 49 -8.54 -12.37 -4.00
C TYR B 49 -7.63 -13.57 -3.83
N LYS B 50 -7.22 -14.13 -4.97
CA LYS B 50 -6.45 -15.37 -5.00
C LYS B 50 -7.18 -16.48 -4.24
N ALA B 51 -8.49 -16.57 -4.48
CA ALA B 51 -9.35 -17.64 -3.98
C ALA B 51 -9.57 -17.57 -2.47
N SER B 52 -8.53 -17.30 -1.68
CA SER B 52 -8.67 -17.39 -0.23
C SER B 52 -8.06 -16.21 0.54
N THR B 53 -7.26 -15.35 -0.09
CA THR B 53 -6.65 -14.25 0.64
C THR B 53 -7.66 -13.14 0.90
N LEU B 54 -7.70 -12.66 2.13
CA LEU B 54 -8.67 -11.65 2.55
C LEU B 54 -8.16 -10.25 2.26
N GLU B 55 -9.02 -9.42 1.67
CA GLU B 55 -8.65 -8.04 1.38
C GLU B 55 -8.50 -7.25 2.67
N SER B 56 -7.49 -6.38 2.71
CA SER B 56 -7.25 -5.57 3.89
C SER B 56 -8.41 -4.62 4.14
N GLY B 57 -8.81 -4.51 5.41
CA GLY B 57 -9.94 -3.69 5.79
C GLY B 57 -11.29 -4.37 5.73
N VAL B 58 -11.34 -5.62 5.30
CA VAL B 58 -12.60 -6.37 5.21
C VAL B 58 -12.79 -7.14 6.51
N PRO B 59 -13.99 -7.15 7.08
CA PRO B 59 -14.22 -7.96 8.29
C PRO B 59 -13.82 -9.42 8.08
N SER B 60 -13.20 -10.00 9.10
CA SER B 60 -12.70 -11.37 9.02
C SER B 60 -13.80 -12.41 8.96
N ARG B 61 -15.07 -12.03 9.05
CA ARG B 61 -16.15 -12.99 8.90
C ARG B 61 -16.19 -13.56 7.48
N PHE B 62 -15.68 -12.82 6.50
CA PHE B 62 -15.64 -13.30 5.13
C PHE B 62 -14.44 -14.21 4.93
N SER B 63 -14.62 -15.25 4.12
CA SER B 63 -13.55 -16.20 3.84
C SER B 63 -13.83 -16.91 2.53
N GLY B 64 -12.81 -17.01 1.69
CA GLY B 64 -12.92 -17.74 0.44
C GLY B 64 -12.19 -19.06 0.49
N SER B 65 -12.60 -20.01 -0.34
CA SER B 65 -11.99 -21.32 -0.37
CA SER B 65 -11.96 -21.32 -0.37
C SER B 65 -12.19 -21.95 -1.73
N GLY B 66 -11.31 -22.89 -2.09
CA GLY B 66 -11.40 -23.60 -3.35
C GLY B 66 -10.28 -23.31 -4.34
N SER B 67 -10.08 -24.23 -5.27
CA SER B 67 -9.12 -24.06 -6.36
C SER B 67 -9.57 -24.90 -7.54
N GLY B 68 -9.13 -24.50 -8.73
CA GLY B 68 -9.49 -25.22 -9.93
C GLY B 68 -10.76 -24.71 -10.59
N THR B 69 -11.88 -25.38 -10.35
CA THR B 69 -13.15 -25.02 -10.96
C THR B 69 -14.28 -24.76 -9.97
N GLU B 70 -14.16 -25.23 -8.74
CA GLU B 70 -15.18 -25.03 -7.71
C GLU B 70 -14.62 -24.15 -6.60
N PHE B 71 -15.37 -23.11 -6.25
CA PHE B 71 -14.93 -22.13 -5.27
C PHE B 71 -16.07 -21.80 -4.33
N THR B 72 -15.75 -21.12 -3.23
CA THR B 72 -16.72 -20.90 -2.17
C THR B 72 -16.40 -19.58 -1.45
N LEU B 73 -17.44 -18.79 -1.23
CA LEU B 73 -17.39 -17.63 -0.34
C LEU B 73 -18.24 -17.92 0.89
N THR B 74 -17.68 -17.66 2.07
CA THR B 74 -18.35 -18.01 3.32
C THR B 74 -18.38 -16.79 4.24
N ILE B 75 -19.53 -16.58 4.87
CA ILE B 75 -19.71 -15.55 5.90
C ILE B 75 -20.12 -16.28 7.18
N SER B 76 -19.20 -16.37 8.14
CA SER B 76 -19.41 -17.20 9.32
C SER B 76 -20.59 -16.71 10.16
N SER B 77 -20.73 -15.39 10.29
CA SER B 77 -21.84 -14.80 11.04
C SER B 77 -22.28 -13.56 10.30
N LEU B 78 -23.38 -13.66 9.55
CA LEU B 78 -23.83 -12.57 8.69
C LEU B 78 -24.33 -11.41 9.53
N GLN B 79 -23.92 -10.20 9.16
CA GLN B 79 -24.30 -8.97 9.81
C GLN B 79 -25.25 -8.16 8.94
N PRO B 80 -25.97 -7.19 9.51
CA PRO B 80 -26.98 -6.46 8.72
C PRO B 80 -26.44 -5.80 7.46
N ASP B 81 -25.19 -5.31 7.49
CA ASP B 81 -24.61 -4.69 6.32
C ASP B 81 -24.10 -5.70 5.29
N ASP B 82 -24.29 -7.00 5.52
CA ASP B 82 -23.89 -8.02 4.57
C ASP B 82 -24.98 -8.38 3.58
N PHE B 83 -26.20 -7.88 3.77
CA PHE B 83 -27.28 -8.10 2.81
C PHE B 83 -26.98 -7.28 1.56
N ALA B 84 -26.45 -7.96 0.54
CA ALA B 84 -26.10 -7.33 -0.72
C ALA B 84 -26.00 -8.43 -1.78
N THR B 85 -25.33 -8.12 -2.89
CA THR B 85 -25.08 -9.09 -3.94
C THR B 85 -23.58 -9.34 -4.05
N TYR B 86 -23.20 -10.61 -4.23
CA TYR B 86 -21.80 -11.01 -4.27
C TYR B 86 -21.48 -11.62 -5.63
N TYR B 87 -20.41 -11.14 -6.25
CA TYR B 87 -19.95 -11.63 -7.55
C TYR B 87 -18.59 -12.29 -7.39
N CYS B 88 -18.40 -13.40 -8.11
CA CYS B 88 -17.08 -14.01 -8.23
C CYS B 88 -16.53 -13.69 -9.61
N GLN B 89 -15.24 -13.35 -9.65
CA GLN B 89 -14.56 -12.98 -10.89
C GLN B 89 -13.27 -13.76 -10.99
N GLN B 90 -13.04 -14.37 -12.15
CA GLN B 90 -11.78 -15.06 -12.43
C GLN B 90 -10.85 -14.14 -13.21
N TYR B 91 -9.55 -14.34 -13.02
CA TYR B 91 -8.57 -13.61 -13.81
C TYR B 91 -7.45 -14.53 -14.30
N ASN B 92 -7.79 -15.79 -14.59
CA ASN B 92 -6.83 -16.68 -15.24
C ASN B 92 -6.66 -16.29 -16.71
N SER B 93 -7.76 -16.14 -17.43
CA SER B 93 -7.75 -15.74 -18.83
C SER B 93 -8.73 -14.60 -19.01
N TYR B 94 -8.21 -13.40 -19.26
CA TYR B 94 -9.00 -12.17 -19.35
C TYR B 94 -9.78 -12.00 -18.04
N TRP B 95 -10.96 -11.40 -18.09
CA TRP B 95 -11.73 -11.09 -16.90
C TRP B 95 -13.21 -11.34 -17.17
N THR B 96 -13.81 -12.24 -16.39
CA THR B 96 -15.22 -12.57 -16.51
C THR B 96 -15.82 -12.67 -15.11
N PHE B 97 -17.06 -12.22 -14.97
CA PHE B 97 -17.74 -12.16 -13.69
C PHE B 97 -18.89 -13.16 -13.66
N GLY B 98 -19.26 -13.56 -12.44
CA GLY B 98 -20.44 -14.39 -12.26
C GLY B 98 -21.70 -13.58 -12.43
N GLN B 99 -22.83 -14.29 -12.42
CA GLN B 99 -24.13 -13.62 -12.53
C GLN B 99 -24.55 -12.94 -11.24
N GLY B 100 -23.88 -13.23 -10.13
CA GLY B 100 -24.19 -12.61 -8.86
C GLY B 100 -25.10 -13.48 -8.01
N THR B 101 -25.04 -13.24 -6.70
CA THR B 101 -25.88 -13.95 -5.73
C THR B 101 -26.48 -12.93 -4.78
N ARG B 102 -27.81 -12.79 -4.82
CA ARG B 102 -28.50 -11.87 -3.93
C ARG B 102 -28.73 -12.53 -2.57
N VAL B 103 -28.46 -11.77 -1.51
CA VAL B 103 -28.66 -12.24 -0.14
C VAL B 103 -29.82 -11.45 0.44
N GLU B 104 -30.99 -12.07 0.47
CA GLU B 104 -32.20 -11.42 0.96
CA GLU B 104 -32.20 -11.42 0.96
C GLU B 104 -32.42 -11.75 2.43
N ILE B 105 -33.17 -10.89 3.11
CA ILE B 105 -33.42 -11.04 4.54
C ILE B 105 -34.56 -12.04 4.73
N LYS B 106 -34.29 -13.07 5.52
CA LYS B 106 -35.21 -14.20 5.62
C LYS B 106 -36.45 -13.85 6.43
N ARG B 107 -37.60 -14.35 5.98
CA ARG B 107 -38.85 -14.26 6.73
C ARG B 107 -39.71 -15.45 6.34
N THR B 108 -40.91 -15.50 6.91
CA THR B 108 -41.82 -16.61 6.62
C THR B 108 -42.38 -16.48 5.20
N VAL B 109 -42.91 -17.59 4.70
CA VAL B 109 -43.55 -17.57 3.39
C VAL B 109 -44.82 -16.73 3.45
N ALA B 110 -45.11 -16.03 2.36
CA ALA B 110 -46.29 -15.19 2.26
C ALA B 110 -46.84 -15.28 0.85
N ALA B 111 -48.09 -15.73 0.73
CA ALA B 111 -48.72 -15.86 -0.56
C ALA B 111 -49.08 -14.49 -1.13
N PRO B 112 -48.99 -14.31 -2.45
CA PRO B 112 -49.30 -13.01 -3.04
C PRO B 112 -50.78 -12.74 -3.15
N SER B 113 -51.12 -11.45 -3.09
CA SER B 113 -52.45 -10.98 -3.42
C SER B 113 -52.44 -10.54 -4.89
N VAL B 114 -53.32 -11.15 -5.69
CA VAL B 114 -53.32 -10.93 -7.13
C VAL B 114 -54.44 -9.97 -7.49
N PHE B 115 -54.11 -8.93 -8.27
CA PHE B 115 -55.08 -7.98 -8.80
C PHE B 115 -54.80 -7.79 -10.28
N ILE B 116 -55.86 -7.70 -11.08
CA ILE B 116 -55.75 -7.50 -12.51
C ILE B 116 -56.53 -6.24 -12.89
N PHE B 117 -55.93 -5.41 -13.73
CA PHE B 117 -56.54 -4.15 -14.14
C PHE B 117 -56.71 -4.14 -15.66
N PRO B 118 -57.94 -4.09 -16.18
CA PRO B 118 -58.14 -3.95 -17.62
C PRO B 118 -57.60 -2.61 -18.11
N PRO B 119 -57.38 -2.47 -19.41
CA PRO B 119 -56.88 -1.19 -19.92
C PRO B 119 -57.90 -0.08 -19.75
N SER B 120 -57.40 1.13 -19.56
CA SER B 120 -58.26 2.29 -19.39
C SER B 120 -58.91 2.66 -20.72
N ASP B 121 -60.02 3.40 -20.63
CA ASP B 121 -60.72 3.83 -21.83
C ASP B 121 -59.93 4.87 -22.60
N GLU B 122 -59.11 5.67 -21.91
CA GLU B 122 -58.32 6.71 -22.57
CA GLU B 122 -58.36 6.69 -22.62
C GLU B 122 -57.16 6.13 -23.35
N GLN B 123 -56.63 4.98 -22.92
CA GLN B 123 -55.53 4.36 -23.64
C GLN B 123 -56.03 3.65 -24.89
N LEU B 124 -57.20 3.00 -24.81
CA LEU B 124 -57.79 2.37 -25.98
C LEU B 124 -58.04 3.38 -27.09
N LYS B 125 -58.32 4.63 -26.72
CA LYS B 125 -58.47 5.68 -27.74
C LYS B 125 -57.16 5.92 -28.49
N SER B 126 -56.03 5.64 -27.86
CA SER B 126 -54.73 5.88 -28.49
C SER B 126 -54.30 4.74 -29.42
N GLY B 127 -54.96 3.59 -29.36
CA GLY B 127 -54.64 2.48 -30.24
C GLY B 127 -53.89 1.34 -29.59
N THR B 128 -53.56 1.43 -28.30
CA THR B 128 -52.86 0.38 -27.59
C THR B 128 -53.65 -0.01 -26.35
N ALA B 129 -53.54 -1.28 -25.96
CA ALA B 129 -54.18 -1.80 -24.76
C ALA B 129 -53.13 -2.39 -23.83
N SER B 130 -53.12 -1.94 -22.58
CA SER B 130 -52.24 -2.46 -21.55
C SER B 130 -53.07 -3.12 -20.46
N VAL B 131 -52.79 -4.39 -20.20
CA VAL B 131 -53.42 -5.13 -19.10
C VAL B 131 -52.36 -5.38 -18.05
N VAL B 132 -52.69 -5.08 -16.79
CA VAL B 132 -51.73 -5.12 -15.70
C VAL B 132 -52.18 -6.16 -14.68
N CYS B 133 -51.22 -6.95 -14.20
CA CYS B 133 -51.43 -7.95 -13.16
C CYS B 133 -50.53 -7.59 -11.97
N LEU B 134 -51.12 -7.52 -10.77
CA LEU B 134 -50.44 -6.99 -9.59
C LEU B 134 -50.30 -8.10 -8.56
N LEU B 135 -49.05 -8.46 -8.24
CA LEU B 135 -48.74 -9.42 -7.19
C LEU B 135 -48.24 -8.64 -5.99
N ASN B 136 -49.00 -8.68 -4.89
CA ASN B 136 -48.76 -7.81 -3.74
C ASN B 136 -48.30 -8.62 -2.53
N ASN B 137 -47.17 -8.21 -1.95
CA ASN B 137 -46.71 -8.65 -0.63
C ASN B 137 -46.57 -10.18 -0.57
N PHE B 138 -45.58 -10.68 -1.30
CA PHE B 138 -45.27 -12.10 -1.30
C PHE B 138 -43.81 -12.33 -0.95
N TYR B 139 -43.52 -13.55 -0.50
CA TYR B 139 -42.17 -13.96 -0.13
C TYR B 139 -42.05 -15.47 -0.26
N PRO B 140 -40.95 -15.99 -0.84
CA PRO B 140 -39.79 -15.22 -1.32
C PRO B 140 -39.96 -14.61 -2.71
N ARG B 141 -38.85 -14.16 -3.29
CA ARG B 141 -38.88 -13.40 -4.53
C ARG B 141 -39.36 -14.23 -5.71
N GLU B 142 -39.13 -15.54 -5.68
CA GLU B 142 -39.42 -16.40 -6.82
C GLU B 142 -40.93 -16.46 -7.08
N ALA B 143 -41.32 -16.08 -8.30
CA ALA B 143 -42.73 -16.08 -8.68
C ALA B 143 -42.83 -16.13 -10.19
N LYS B 144 -43.92 -16.72 -10.68
CA LYS B 144 -44.18 -16.88 -12.10
C LYS B 144 -45.54 -16.31 -12.45
N VAL B 145 -45.62 -15.67 -13.62
CA VAL B 145 -46.84 -15.02 -14.09
C VAL B 145 -47.08 -15.43 -15.54
N GLN B 146 -48.27 -15.97 -15.83
CA GLN B 146 -48.64 -16.40 -17.17
C GLN B 146 -49.87 -15.65 -17.63
N TRP B 147 -49.78 -15.02 -18.81
CA TRP B 147 -50.89 -14.29 -19.39
C TRP B 147 -51.65 -15.19 -20.37
N LYS B 148 -52.97 -15.24 -20.21
CA LYS B 148 -53.83 -16.00 -21.09
C LYS B 148 -54.94 -15.10 -21.63
N VAL B 149 -55.18 -15.19 -22.94
CA VAL B 149 -56.24 -14.45 -23.61
C VAL B 149 -57.08 -15.46 -24.37
N ASP B 150 -58.30 -15.71 -23.89
CA ASP B 150 -59.17 -16.77 -24.42
C ASP B 150 -58.44 -18.11 -24.42
N ASN B 151 -57.85 -18.45 -23.27
CA ASN B 151 -57.11 -19.69 -23.07
C ASN B 151 -55.96 -19.84 -24.07
N ALA B 152 -55.35 -18.72 -24.46
CA ALA B 152 -54.19 -18.73 -25.34
C ALA B 152 -53.02 -18.10 -24.58
N LEU B 153 -51.97 -18.89 -24.37
CA LEU B 153 -50.82 -18.41 -23.62
C LEU B 153 -50.10 -17.32 -24.40
N GLN B 154 -49.86 -16.19 -23.73
CA GLN B 154 -49.18 -15.04 -24.33
C GLN B 154 -47.71 -15.07 -23.94
N SER B 155 -46.83 -15.06 -24.95
CA SER B 155 -45.39 -15.09 -24.73
C SER B 155 -44.73 -14.07 -25.64
N GLY B 156 -43.86 -13.23 -25.05
CA GLY B 156 -43.10 -12.26 -25.81
C GLY B 156 -43.72 -10.88 -25.89
N ASN B 157 -44.89 -10.66 -25.29
CA ASN B 157 -45.56 -9.36 -25.33
C ASN B 157 -45.85 -8.83 -23.94
N SER B 158 -45.14 -9.29 -22.92
CA SER B 158 -45.34 -8.82 -21.56
C SER B 158 -43.99 -8.50 -20.92
N GLN B 159 -44.03 -7.59 -19.94
CA GLN B 159 -42.86 -7.23 -19.16
C GLN B 159 -43.27 -7.09 -17.70
N GLU B 160 -42.29 -7.23 -16.81
CA GLU B 160 -42.57 -7.18 -15.39
C GLU B 160 -41.36 -6.64 -14.63
N SER B 161 -41.64 -6.11 -13.44
CA SER B 161 -40.61 -5.59 -12.55
C SER B 161 -41.05 -5.82 -11.12
N VAL B 162 -40.08 -5.85 -10.21
CA VAL B 162 -40.30 -6.24 -8.82
C VAL B 162 -39.73 -5.17 -7.90
N THR B 163 -40.35 -5.03 -6.73
CA THR B 163 -39.83 -4.17 -5.67
C THR B 163 -38.90 -4.97 -4.76
N GLU B 164 -38.19 -4.26 -3.89
CA GLU B 164 -37.24 -4.84 -2.97
C GLU B 164 -37.74 -4.72 -1.53
N GLN B 165 -36.98 -5.30 -0.61
CA GLN B 165 -37.21 -5.10 0.81
C GLN B 165 -36.66 -3.74 1.24
N ASP B 166 -37.41 -3.04 2.08
CA ASP B 166 -37.01 -1.73 2.55
C ASP B 166 -37.41 -1.59 4.01
N SER B 167 -37.32 -0.38 4.55
CA SER B 167 -37.66 -0.13 5.94
C SER B 167 -39.15 -0.27 6.22
N LYS B 168 -39.98 -0.39 5.18
CA LYS B 168 -41.42 -0.49 5.36
C LYS B 168 -41.99 -1.85 4.95
N ASP B 169 -41.25 -2.65 4.18
CA ASP B 169 -41.77 -3.88 3.61
C ASP B 169 -40.76 -5.01 3.80
N SER B 170 -41.26 -6.15 4.26
CA SER B 170 -40.47 -7.38 4.35
C SER B 170 -40.70 -8.29 3.15
N THR B 171 -41.68 -8.00 2.31
CA THR B 171 -42.06 -8.84 1.18
C THR B 171 -41.68 -8.16 -0.13
N TYR B 172 -42.15 -8.73 -1.23
CA TYR B 172 -41.93 -8.21 -2.57
C TYR B 172 -43.27 -7.89 -3.21
N SER B 173 -43.20 -7.20 -4.35
CA SER B 173 -44.38 -6.93 -5.16
C SER B 173 -43.97 -6.90 -6.62
N LEU B 174 -44.88 -7.36 -7.49
CA LEU B 174 -44.59 -7.52 -8.91
C LEU B 174 -45.70 -6.90 -9.74
N SER B 175 -45.30 -6.22 -10.82
CA SER B 175 -46.24 -5.62 -11.75
C SER B 175 -45.90 -6.11 -13.15
N SER B 176 -46.83 -6.83 -13.77
CA SER B 176 -46.65 -7.35 -15.12
C SER B 176 -47.61 -6.65 -16.06
N THR B 177 -47.10 -6.19 -17.21
CA THR B 177 -47.88 -5.43 -18.18
C THR B 177 -47.97 -6.23 -19.48
N LEU B 178 -49.17 -6.68 -19.82
CA LEU B 178 -49.44 -7.30 -21.11
C LEU B 178 -49.86 -6.21 -22.09
N THR B 179 -49.07 -6.03 -23.14
CA THR B 179 -49.30 -4.97 -24.12
C THR B 179 -49.90 -5.57 -25.39
N LEU B 180 -51.13 -5.15 -25.70
CA LEU B 180 -51.84 -5.62 -26.89
C LEU B 180 -52.28 -4.42 -27.71
N SER B 181 -52.36 -4.62 -29.02
CA SER B 181 -52.95 -3.59 -29.87
C SER B 181 -54.44 -3.46 -29.56
N LYS B 182 -55.00 -2.29 -29.88
CA LYS B 182 -56.43 -2.08 -29.68
C LYS B 182 -57.25 -3.10 -30.46
N ALA B 183 -56.86 -3.35 -31.72
CA ALA B 183 -57.58 -4.32 -32.54
C ALA B 183 -57.51 -5.72 -31.94
N ASP B 184 -56.34 -6.10 -31.43
CA ASP B 184 -56.22 -7.42 -30.81
C ASP B 184 -57.06 -7.51 -29.54
N TYR B 185 -57.06 -6.45 -28.73
CA TYR B 185 -57.80 -6.46 -27.48
C TYR B 185 -59.29 -6.62 -27.71
N GLU B 186 -59.83 -5.90 -28.69
CA GLU B 186 -61.26 -5.97 -28.96
C GLU B 186 -61.68 -7.31 -29.55
N LYS B 187 -60.72 -8.11 -30.01
CA LYS B 187 -61.02 -9.39 -30.65
C LYS B 187 -61.28 -10.52 -29.66
N HIS B 188 -61.03 -10.32 -28.37
CA HIS B 188 -61.14 -11.39 -27.39
C HIS B 188 -61.85 -10.90 -26.13
N LYS B 189 -62.35 -11.86 -25.37
CA LYS B 189 -63.21 -11.58 -24.22
C LYS B 189 -62.52 -11.80 -22.89
N VAL B 190 -61.94 -12.98 -22.66
CA VAL B 190 -61.43 -13.37 -21.35
C VAL B 190 -59.95 -13.04 -21.28
N TYR B 191 -59.56 -12.24 -20.29
CA TYR B 191 -58.17 -11.89 -20.03
C TYR B 191 -57.83 -12.29 -18.60
N ALA B 192 -56.84 -13.16 -18.45
CA ALA B 192 -56.49 -13.74 -17.16
C ALA B 192 -54.99 -13.75 -16.97
N CYS B 193 -54.57 -13.69 -15.71
CA CYS B 193 -53.16 -13.81 -15.35
CA CYS B 193 -53.17 -13.78 -15.33
C CYS B 193 -53.03 -14.83 -14.23
N GLU B 194 -52.33 -15.92 -14.54
CA GLU B 194 -52.17 -17.05 -13.61
C GLU B 194 -50.87 -16.90 -12.85
N VAL B 195 -50.95 -16.93 -11.52
CA VAL B 195 -49.83 -16.68 -10.64
C VAL B 195 -49.45 -17.98 -9.94
N THR B 196 -48.17 -18.34 -10.02
CA THR B 196 -47.62 -19.50 -9.33
C THR B 196 -46.61 -19.03 -8.30
N HIS B 197 -46.80 -19.43 -7.04
CA HIS B 197 -45.88 -19.04 -5.99
C HIS B 197 -45.85 -20.15 -4.94
N GLN B 198 -44.77 -20.16 -4.16
CA GLN B 198 -44.59 -21.21 -3.15
C GLN B 198 -45.69 -21.18 -2.09
N GLY B 199 -46.22 -19.99 -1.80
CA GLY B 199 -47.23 -19.86 -0.75
C GLY B 199 -48.62 -20.24 -1.21
N LEU B 200 -48.70 -20.83 -2.40
CA LEU B 200 -49.97 -21.22 -3.01
C LEU B 200 -49.92 -22.70 -3.32
N SER B 201 -50.87 -23.45 -2.77
CA SER B 201 -50.97 -24.88 -3.05
C SER B 201 -51.39 -25.16 -4.49
N SER B 202 -52.03 -24.19 -5.15
CA SER B 202 -52.45 -24.33 -6.53
C SER B 202 -52.35 -22.96 -7.19
N PRO B 203 -52.07 -22.91 -8.50
CA PRO B 203 -51.95 -21.61 -9.18
C PRO B 203 -53.23 -20.80 -9.06
N VAL B 204 -53.06 -19.52 -8.73
CA VAL B 204 -54.18 -18.59 -8.59
C VAL B 204 -54.35 -17.83 -9.89
N THR B 205 -55.58 -17.75 -10.38
CA THR B 205 -55.92 -17.04 -11.60
C THR B 205 -56.90 -15.91 -11.28
N LYS B 206 -56.62 -14.72 -11.81
CA LYS B 206 -57.51 -13.58 -11.73
C LYS B 206 -57.85 -13.12 -13.13
N SER B 207 -59.14 -12.95 -13.41
CA SER B 207 -59.59 -12.73 -14.77
C SER B 207 -60.59 -11.58 -14.82
N PHE B 208 -60.85 -11.12 -16.05
CA PHE B 208 -61.95 -10.20 -16.31
C PHE B 208 -62.43 -10.46 -17.74
N ASN B 209 -63.62 -9.95 -18.04
CA ASN B 209 -64.21 -10.07 -19.37
C ASN B 209 -64.28 -8.68 -20.01
N ARG B 210 -63.74 -8.58 -21.22
CA ARG B 210 -63.75 -7.31 -21.94
C ARG B 210 -65.19 -6.85 -22.18
N GLY B 211 -65.44 -5.58 -21.88
CA GLY B 211 -66.77 -5.03 -22.00
C GLY B 211 -67.65 -5.23 -20.79
N GLU B 212 -67.19 -5.97 -19.78
CA GLU B 212 -67.95 -6.21 -18.57
C GLU B 212 -67.24 -5.72 -17.31
N CYS B 213 -65.91 -5.75 -17.27
CA CYS B 213 -65.17 -5.26 -16.13
C CYS B 213 -63.87 -4.60 -16.57
N GLN C 1 37.14 -14.35 -7.74
CA GLN C 1 37.13 -13.94 -9.14
C GLN C 1 35.98 -12.99 -9.43
N VAL C 2 34.81 -13.29 -8.88
CA VAL C 2 33.66 -12.40 -9.00
C VAL C 2 33.84 -11.25 -8.01
N GLN C 3 33.96 -10.03 -8.53
CA GLN C 3 34.24 -8.89 -7.67
C GLN C 3 33.79 -7.61 -8.35
N LEU C 4 33.67 -6.56 -7.54
CA LEU C 4 33.33 -5.21 -7.99
C LEU C 4 34.29 -4.25 -7.32
N VAL C 5 35.10 -3.56 -8.11
CA VAL C 5 36.08 -2.60 -7.61
C VAL C 5 35.61 -1.20 -7.93
N GLU C 6 35.49 -0.37 -6.91
CA GLU C 6 34.98 0.99 -7.05
C GLU C 6 36.11 2.00 -6.96
N SER C 7 35.82 3.22 -7.44
CA SER C 7 36.77 4.31 -7.46
C SER C 7 36.00 5.59 -7.76
N GLY C 8 36.70 6.72 -7.64
CA GLY C 8 36.11 8.01 -7.92
C GLY C 8 35.72 8.82 -6.70
N GLY C 9 35.77 8.23 -5.51
CA GLY C 9 35.47 8.98 -4.31
C GLY C 9 36.54 10.01 -3.99
N GLY C 10 36.17 10.98 -3.17
CA GLY C 10 37.10 12.02 -2.79
C GLY C 10 36.43 13.07 -1.94
N VAL C 11 37.18 14.14 -1.68
CA VAL C 11 36.70 15.26 -0.88
C VAL C 11 36.37 16.41 -1.83
N VAL C 12 35.13 16.88 -1.77
CA VAL C 12 34.67 17.98 -2.61
C VAL C 12 33.91 18.98 -1.75
N GLN C 13 33.80 20.18 -2.25
CA GLN C 13 33.01 21.23 -1.63
C GLN C 13 31.58 21.18 -2.17
N PRO C 14 30.59 21.54 -1.34
CA PRO C 14 29.20 21.43 -1.75
C PRO C 14 28.90 22.26 -2.99
N GLY C 15 28.00 21.72 -3.83
CA GLY C 15 27.68 22.29 -5.12
C GLY C 15 28.49 21.71 -6.28
N ARG C 16 29.60 21.04 -5.99
CA ARG C 16 30.45 20.48 -7.02
C ARG C 16 30.01 19.07 -7.39
N SER C 17 30.69 18.48 -8.35
CA SER C 17 30.35 17.19 -8.91
C SER C 17 31.38 16.14 -8.52
N LEU C 18 31.04 14.89 -8.81
CA LEU C 18 31.91 13.74 -8.53
C LEU C 18 31.31 12.53 -9.24
N ARG C 19 32.16 11.69 -9.81
CA ARG C 19 31.72 10.53 -10.58
C ARG C 19 32.28 9.26 -9.94
N LEU C 20 31.40 8.37 -9.50
CA LEU C 20 31.81 7.08 -8.96
C LEU C 20 31.80 6.05 -10.07
N SER C 21 32.77 5.13 -10.03
CA SER C 21 32.93 4.10 -11.04
CA SER C 21 32.93 4.10 -11.04
C SER C 21 33.04 2.74 -10.36
N CYS C 22 32.26 1.78 -10.84
CA CYS C 22 32.20 0.44 -10.28
C CYS C 22 32.63 -0.55 -11.36
N ALA C 23 33.87 -1.02 -11.28
CA ALA C 23 34.42 -1.94 -12.27
C ALA C 23 34.07 -3.37 -11.90
N ALA C 24 33.45 -4.09 -12.83
CA ALA C 24 33.02 -5.46 -12.61
C ALA C 24 33.95 -6.44 -13.32
N SER C 25 33.97 -7.66 -12.81
CA SER C 25 34.81 -8.72 -13.35
C SER C 25 34.39 -10.05 -12.74
N GLY C 26 34.53 -11.12 -13.52
CA GLY C 26 34.22 -12.45 -13.06
C GLY C 26 32.83 -12.96 -13.39
N PHE C 27 31.94 -12.08 -13.87
CA PHE C 27 30.59 -12.49 -14.24
C PHE C 27 30.15 -11.68 -15.45
N THR C 28 28.97 -12.00 -15.97
CA THR C 28 28.41 -11.28 -17.11
C THR C 28 27.74 -10.01 -16.58
N PHE C 29 28.45 -8.89 -16.68
CA PHE C 29 27.95 -7.63 -16.11
C PHE C 29 26.69 -7.16 -16.82
N SER C 30 26.63 -7.33 -18.14
CA SER C 30 25.48 -6.89 -18.92
C SER C 30 24.22 -7.70 -18.66
N SER C 31 24.26 -8.68 -17.75
CA SER C 31 23.11 -9.53 -17.47
C SER C 31 22.43 -9.20 -16.15
N TYR C 32 23.04 -8.39 -15.30
CA TYR C 32 22.54 -8.11 -13.97
C TYR C 32 22.09 -6.66 -13.84
N GLY C 33 20.98 -6.45 -13.15
CA GLY C 33 20.68 -5.13 -12.64
C GLY C 33 21.63 -4.76 -11.50
N MET C 34 21.87 -3.46 -11.33
CA MET C 34 22.88 -3.00 -10.40
C MET C 34 22.32 -1.88 -9.53
N HIS C 35 22.83 -1.80 -8.30
CA HIS C 35 22.44 -0.80 -7.32
C HIS C 35 23.63 0.02 -6.87
N TRP C 36 23.32 1.19 -6.30
CA TRP C 36 24.26 1.94 -5.48
C TRP C 36 23.64 2.07 -4.09
N VAL C 37 24.39 1.67 -3.06
CA VAL C 37 23.98 1.79 -1.68
C VAL C 37 25.04 2.57 -0.93
N ARG C 38 24.61 3.54 -0.12
CA ARG C 38 25.52 4.33 0.68
C ARG C 38 25.32 4.02 2.16
N GLN C 39 26.41 4.14 2.93
CA GLN C 39 26.42 3.79 4.35
C GLN C 39 27.04 4.93 5.13
N THR C 40 26.27 5.51 6.05
CA THR C 40 26.76 6.50 6.98
C THR C 40 26.45 6.02 8.38
N THR C 41 27.31 6.39 9.34
CA THR C 41 27.12 5.93 10.72
C THR C 41 25.82 6.45 11.32
N GLY C 42 25.34 7.61 10.85
CA GLY C 42 24.13 8.20 11.38
C GLY C 42 22.86 7.55 10.88
N LYS C 43 22.84 7.15 9.60
CA LYS C 43 21.64 6.60 8.97
C LYS C 43 21.79 5.14 8.56
N GLY C 44 22.95 4.54 8.76
CA GLY C 44 23.12 3.16 8.35
C GLY C 44 23.20 3.00 6.84
N LEU C 45 22.73 1.85 6.36
CA LEU C 45 22.73 1.55 4.94
C LEU C 45 21.49 2.17 4.28
N GLU C 46 21.71 3.00 3.27
CA GLU C 46 20.63 3.67 2.56
C GLU C 46 20.73 3.37 1.07
N TRP C 47 19.62 2.95 0.47
CA TRP C 47 19.60 2.72 -0.96
C TRP C 47 19.62 4.04 -1.71
N VAL C 48 20.36 4.09 -2.81
CA VAL C 48 20.53 5.31 -3.60
C VAL C 48 19.85 5.18 -4.96
N ALA C 49 20.22 4.18 -5.75
CA ALA C 49 19.70 4.06 -7.10
C ALA C 49 19.80 2.61 -7.58
N ILE C 50 18.98 2.29 -8.58
CA ILE C 50 19.03 1.02 -9.28
C ILE C 50 18.95 1.29 -10.78
N ILE C 51 19.65 0.48 -11.55
CA ILE C 51 19.57 0.54 -13.01
C ILE C 51 19.32 -0.86 -13.53
N TRP C 52 18.44 -0.96 -14.53
CA TRP C 52 18.17 -2.24 -15.17
C TRP C 52 19.42 -2.74 -15.88
N HIS C 53 19.44 -4.06 -16.15
CA HIS C 53 20.61 -4.69 -16.76
C HIS C 53 21.01 -4.00 -18.07
N ASP C 54 20.01 -3.53 -18.83
CA ASP C 54 20.26 -2.83 -20.08
C ASP C 54 20.22 -1.31 -19.95
N GLY C 55 19.83 -0.79 -18.80
CA GLY C 55 19.75 0.63 -18.58
C GLY C 55 18.43 1.27 -18.97
N SER C 56 17.38 0.48 -19.20
CA SER C 56 16.10 1.04 -19.62
C SER C 56 15.36 1.69 -18.46
N LYS C 57 15.36 1.05 -17.29
CA LYS C 57 14.67 1.56 -16.12
C LYS C 57 15.68 2.04 -15.09
N LYS C 58 15.41 3.21 -14.51
CA LYS C 58 16.24 3.76 -13.44
C LYS C 58 15.34 4.27 -12.33
N TYR C 59 15.71 3.97 -11.09
CA TYR C 59 14.98 4.47 -9.93
C TYR C 59 15.97 5.11 -8.97
N TYR C 60 15.50 6.11 -8.24
CA TYR C 60 16.34 6.88 -7.33
C TYR C 60 15.63 7.09 -6.00
N ALA C 61 16.42 7.19 -4.94
CA ALA C 61 15.88 7.59 -3.65
C ALA C 61 15.45 9.05 -3.69
N ASP C 62 14.46 9.39 -2.86
CA ASP C 62 13.88 10.73 -2.91
C ASP C 62 14.91 11.80 -2.59
N SER C 63 15.88 11.50 -1.74
CA SER C 63 16.86 12.49 -1.31
C SER C 63 17.90 12.82 -2.36
N VAL C 64 18.01 12.02 -3.42
CA VAL C 64 19.05 12.19 -4.43
C VAL C 64 18.47 12.43 -5.81
N LYS C 65 17.15 12.54 -5.94
CA LYS C 65 16.53 12.72 -7.25
C LYS C 65 16.92 14.06 -7.86
N GLY C 66 17.28 14.03 -9.15
CA GLY C 66 17.67 15.22 -9.88
C GLY C 66 19.13 15.56 -9.78
N ARG C 67 19.79 15.17 -8.69
CA ARG C 67 21.21 15.44 -8.48
C ARG C 67 22.10 14.23 -8.72
N LEU C 68 21.55 13.03 -8.54
CA LEU C 68 22.28 11.79 -8.77
C LEU C 68 21.76 11.12 -10.04
N THR C 69 22.68 10.57 -10.83
CA THR C 69 22.32 9.91 -12.09
C THR C 69 23.10 8.62 -12.19
N ILE C 70 22.38 7.49 -12.19
CA ILE C 70 23.00 6.18 -12.36
C ILE C 70 23.07 5.88 -13.85
N SER C 71 24.25 5.49 -14.32
CA SER C 71 24.44 5.12 -15.71
CA SER C 71 24.50 5.15 -15.72
C SER C 71 25.24 3.82 -15.78
N ARG C 72 25.44 3.33 -17.00
CA ARG C 72 26.04 2.01 -17.17
C ARG C 72 26.64 1.90 -18.57
N ASP C 73 27.84 1.31 -18.64
CA ASP C 73 28.53 1.04 -19.90
C ASP C 73 28.83 -0.46 -19.94
N ASN C 74 27.96 -1.22 -20.61
CA ASN C 74 28.10 -2.66 -20.64
C ASN C 74 29.29 -3.13 -21.48
N SER C 75 29.76 -2.28 -22.40
CA SER C 75 30.94 -2.64 -23.19
C SER C 75 32.24 -2.54 -22.40
N LYS C 76 32.22 -1.93 -21.20
CA LYS C 76 33.40 -1.84 -20.36
C LYS C 76 33.20 -2.41 -18.96
N ASN C 77 32.05 -3.03 -18.68
CA ASN C 77 31.77 -3.65 -17.38
C ASN C 77 31.89 -2.63 -16.24
N THR C 78 31.46 -1.41 -16.50
CA THR C 78 31.54 -0.33 -15.51
C THR C 78 30.14 0.16 -15.17
N LEU C 79 29.93 0.40 -13.88
CA LEU C 79 28.73 1.06 -13.38
C LEU C 79 29.11 2.46 -12.90
N TYR C 80 28.26 3.44 -13.20
CA TYR C 80 28.55 4.82 -12.87
C TYR C 80 27.49 5.40 -11.94
N LEU C 81 27.92 6.38 -11.14
CA LEU C 81 27.01 7.18 -10.31
C LEU C 81 27.50 8.63 -10.43
N GLN C 82 26.91 9.37 -11.37
CA GLN C 82 27.24 10.78 -11.55
C GLN C 82 26.57 11.59 -10.44
N MET C 83 27.39 12.25 -9.62
CA MET C 83 26.91 13.02 -8.49
C MET C 83 27.05 14.51 -8.82
N ASN C 84 25.94 15.22 -8.84
CA ASN C 84 25.92 16.65 -9.08
C ASN C 84 25.26 17.36 -7.92
N SER C 85 25.55 18.65 -7.79
CA SER C 85 24.98 19.52 -6.76
C SER C 85 25.10 18.87 -5.38
N LEU C 86 26.32 18.43 -5.06
CA LEU C 86 26.52 17.62 -3.87
C LEU C 86 26.28 18.43 -2.60
N ARG C 87 25.70 17.77 -1.60
CA ARG C 87 25.43 18.35 -0.30
C ARG C 87 26.25 17.60 0.75
N VAL C 88 26.43 18.25 1.91
CA VAL C 88 27.15 17.58 2.99
C VAL C 88 26.37 16.38 3.51
N GLU C 89 25.06 16.35 3.29
CA GLU C 89 24.25 15.19 3.63
C GLU C 89 24.58 13.99 2.75
N ASP C 90 25.27 14.20 1.63
CA ASP C 90 25.70 13.12 0.77
C ASP C 90 27.02 12.49 1.22
N THR C 91 27.65 13.03 2.25
CA THR C 91 28.87 12.43 2.79
C THR C 91 28.56 11.05 3.35
N ALA C 92 29.12 10.02 2.72
CA ALA C 92 28.91 8.64 3.14
C ALA C 92 29.88 7.74 2.39
N LEU C 93 29.92 6.47 2.78
CA LEU C 93 30.61 5.43 2.04
C LEU C 93 29.63 4.83 1.04
N TYR C 94 30.04 4.74 -0.21
CA TYR C 94 29.15 4.32 -1.30
C TYR C 94 29.60 2.96 -1.82
N TYR C 95 28.67 2.00 -1.80
CA TYR C 95 28.89 0.69 -2.40
C TYR C 95 28.11 0.56 -3.70
N CYS C 96 28.58 -0.34 -4.56
CA CYS C 96 27.79 -0.85 -5.67
C CYS C 96 27.52 -2.33 -5.43
N ALA C 97 26.27 -2.75 -5.66
CA ALA C 97 25.85 -4.11 -5.36
C ALA C 97 25.16 -4.72 -6.57
N ARG C 98 25.23 -6.05 -6.66
CA ARG C 98 24.62 -6.81 -7.74
C ARG C 98 23.32 -7.46 -7.25
N VAL C 99 22.30 -7.43 -8.10
CA VAL C 99 21.02 -8.03 -7.76
C VAL C 99 21.14 -9.55 -7.92
N GLY C 100 20.94 -10.27 -6.82
CA GLY C 100 20.95 -11.72 -6.86
C GLY C 100 19.89 -12.28 -7.77
N ASP C 101 20.30 -13.05 -8.78
CA ASP C 101 19.38 -13.60 -9.78
C ASP C 101 18.71 -14.84 -9.20
N TYR C 102 17.77 -14.61 -8.29
CA TYR C 102 16.98 -15.67 -7.68
C TYR C 102 15.55 -15.54 -8.17
N SER C 103 15.06 -16.59 -8.83
CA SER C 103 13.75 -16.55 -9.47
C SER C 103 12.66 -16.31 -8.43
N ASP C 104 11.96 -15.19 -8.59
CA ASP C 104 10.92 -14.77 -7.66
C ASP C 104 10.11 -13.67 -8.33
N PHE C 105 9.11 -13.14 -7.60
CA PHE C 105 8.37 -11.97 -8.07
C PHE C 105 9.02 -10.66 -7.65
N LYS C 106 9.84 -10.67 -6.60
CA LYS C 106 10.54 -9.49 -6.12
C LYS C 106 12.04 -9.76 -6.12
N TYR C 107 12.81 -8.71 -6.40
CA TYR C 107 14.26 -8.81 -6.50
C TYR C 107 14.91 -7.72 -5.66
N GLY C 108 16.09 -8.02 -5.13
CA GLY C 108 16.82 -7.04 -4.35
C GLY C 108 17.75 -7.63 -3.32
N ALA C 109 18.05 -8.92 -3.41
CA ALA C 109 19.03 -9.54 -2.54
C ALA C 109 20.41 -9.34 -3.14
N PHE C 110 21.27 -8.61 -2.44
CA PHE C 110 22.56 -8.18 -2.96
C PHE C 110 23.62 -9.22 -2.62
N ASP C 111 24.04 -9.99 -3.62
CA ASP C 111 24.97 -11.10 -3.40
C ASP C 111 26.43 -10.74 -3.68
N ILE C 112 26.69 -9.62 -4.34
CA ILE C 112 28.06 -9.16 -4.57
C ILE C 112 28.10 -7.65 -4.32
N TRP C 113 29.05 -7.22 -3.48
CA TRP C 113 29.23 -5.81 -3.17
C TRP C 113 30.64 -5.36 -3.54
N GLY C 114 30.79 -4.06 -3.75
CA GLY C 114 32.11 -3.49 -3.93
C GLY C 114 32.80 -3.24 -2.61
N GLN C 115 34.07 -2.87 -2.69
CA GLN C 115 34.82 -2.56 -1.48
C GLN C 115 34.42 -1.23 -0.87
N GLY C 116 33.64 -0.42 -1.59
CA GLY C 116 33.20 0.86 -1.08
C GLY C 116 34.17 1.99 -1.41
N THR C 117 33.62 3.15 -1.77
CA THR C 117 34.42 4.34 -1.98
C THR C 117 33.81 5.48 -1.16
N MET C 118 34.68 6.32 -0.60
CA MET C 118 34.26 7.36 0.32
C MET C 118 34.17 8.69 -0.42
N VAL C 119 33.04 9.38 -0.26
CA VAL C 119 32.89 10.74 -0.74
C VAL C 119 32.60 11.63 0.47
N THR C 120 33.30 12.77 0.55
CA THR C 120 33.17 13.69 1.65
C THR C 120 32.87 15.08 1.10
N VAL C 121 31.78 15.68 1.57
CA VAL C 121 31.32 16.97 1.08
C VAL C 121 31.36 17.94 2.25
N SER C 122 32.17 18.99 2.10
CA SER C 122 32.33 19.98 3.16
C SER C 122 32.88 21.26 2.56
N SER C 123 32.46 22.40 3.12
CA SER C 123 32.98 23.70 2.70
C SER C 123 34.29 24.05 3.38
N ALA C 124 34.82 23.16 4.23
CA ALA C 124 36.08 23.42 4.91
C ALA C 124 37.26 23.24 3.95
N SER C 125 38.28 24.05 4.14
CA SER C 125 39.50 23.98 3.35
C SER C 125 40.56 23.17 4.10
N THR C 126 41.57 22.74 3.36
CA THR C 126 42.64 21.93 3.93
C THR C 126 43.36 22.70 5.03
N LYS C 127 43.48 22.07 6.21
CA LYS C 127 44.14 22.68 7.35
C LYS C 127 44.86 21.61 8.15
N GLY C 128 46.13 21.86 8.45
CA GLY C 128 46.91 20.96 9.26
C GLY C 128 46.49 21.01 10.72
N PRO C 129 46.73 19.92 11.44
CA PRO C 129 46.30 19.86 12.85
C PRO C 129 47.24 20.59 13.78
N SER C 130 46.69 21.04 14.90
CA SER C 130 47.45 21.60 16.01
C SER C 130 47.45 20.57 17.14
N VAL C 131 48.65 20.19 17.58
CA VAL C 131 48.81 19.10 18.52
C VAL C 131 49.08 19.67 19.90
N PHE C 132 48.27 19.27 20.88
CA PHE C 132 48.43 19.68 22.27
C PHE C 132 48.57 18.45 23.16
N PRO C 133 49.48 18.47 24.13
CA PRO C 133 49.73 17.28 24.93
C PRO C 133 48.71 17.10 26.05
N LEU C 134 48.58 15.85 26.47
CA LEU C 134 47.78 15.47 27.64
C LEU C 134 48.76 15.01 28.70
N ALA C 135 49.16 15.93 29.57
CA ALA C 135 50.25 15.65 30.51
C ALA C 135 49.77 14.74 31.63
N PRO C 136 50.50 13.68 31.93
CA PRO C 136 50.14 12.83 33.07
C PRO C 136 50.59 13.44 34.40
N SER C 137 49.92 13.02 35.46
CA SER C 137 50.30 13.42 36.80
C SER C 137 51.35 12.46 37.35
N SER C 138 52.37 13.01 37.99
CA SER C 138 53.47 12.22 38.55
C SER C 138 53.16 11.97 40.01
N LYS C 139 52.53 10.83 40.29
CA LYS C 139 52.19 10.45 41.66
C LYS C 139 51.81 8.97 41.65
N SER C 140 51.88 8.36 42.84
CA SER C 140 51.52 6.96 43.04
C SER C 140 52.30 6.05 42.09
N THR C 141 53.62 6.07 42.26
CA THR C 141 54.49 5.24 41.43
C THR C 141 54.23 3.75 41.66
N SER C 142 54.02 3.37 42.92
CA SER C 142 53.74 1.97 43.26
C SER C 142 52.45 1.48 42.61
N GLY C 144 50.87 0.85 39.90
CA GLY C 144 50.29 2.09 39.45
C GLY C 144 50.68 2.46 38.03
N THR C 145 49.69 2.85 37.23
CA THR C 145 49.90 3.25 35.85
C THR C 145 49.41 4.66 35.63
N ALA C 146 49.98 5.33 34.63
CA ALA C 146 49.63 6.69 34.29
C ALA C 146 49.09 6.74 32.86
N ALA C 147 48.32 7.79 32.58
CA ALA C 147 47.72 8.00 31.27
C ALA C 147 48.24 9.32 30.70
N LEU C 148 48.67 9.28 29.44
CA LEU C 148 49.14 10.46 28.75
C LEU C 148 48.80 10.33 27.27
N GLY C 149 48.71 11.47 26.60
CA GLY C 149 48.34 11.43 25.20
C GLY C 149 48.49 12.78 24.54
N CYS C 150 47.95 12.87 23.32
CA CYS C 150 48.00 14.08 22.51
C CYS C 150 46.62 14.36 21.95
N LEU C 151 46.25 15.65 21.95
CA LEU C 151 44.98 16.10 21.40
C LEU C 151 45.24 16.68 20.01
N VAL C 152 44.75 15.99 18.99
CA VAL C 152 44.89 16.43 17.60
C VAL C 152 43.65 17.24 17.26
N LYS C 153 43.81 18.55 17.08
CA LYS C 153 42.69 19.48 17.01
C LYS C 153 42.71 20.28 15.73
N ASP C 154 41.52 20.43 15.13
CA ASP C 154 41.28 21.35 14.00
C ASP C 154 42.12 20.98 12.79
N TYR C 155 41.74 19.86 12.16
CA TYR C 155 42.35 19.42 10.92
C TYR C 155 41.28 18.96 9.93
N PHE C 156 41.65 18.97 8.65
CA PHE C 156 40.74 18.59 7.57
C PHE C 156 41.54 18.38 6.29
N PRO C 157 41.30 17.29 5.54
CA PRO C 157 40.37 16.22 5.91
C PRO C 157 41.05 15.05 6.60
N GLU C 158 40.29 13.97 6.81
CA GLU C 158 40.85 12.75 7.37
C GLU C 158 41.69 12.04 6.31
N PRO C 159 42.64 11.19 6.72
CA PRO C 159 42.99 10.82 8.10
C PRO C 159 44.28 11.43 8.62
N VAL C 160 44.62 11.08 9.86
CA VAL C 160 45.91 11.37 10.45
C VAL C 160 46.51 10.07 10.96
N THR C 161 47.81 9.92 10.78
CA THR C 161 48.55 8.79 11.33
C THR C 161 49.26 9.26 12.60
N VAL C 162 48.81 8.76 13.74
CA VAL C 162 49.39 9.10 15.03
C VAL C 162 50.20 7.91 15.52
N SER C 163 51.52 8.10 15.62
CA SER C 163 52.42 7.11 16.16
C SER C 163 53.15 7.67 17.36
N TRP C 164 53.67 6.77 18.19
CA TRP C 164 54.34 7.14 19.43
C TRP C 164 55.79 6.69 19.40
N ASN C 165 56.71 7.62 19.66
CA ASN C 165 58.14 7.36 19.65
C ASN C 165 58.58 6.74 18.32
N SER C 166 58.15 7.37 17.22
CA SER C 166 58.43 6.90 15.87
C SER C 166 58.03 5.44 15.68
N GLY C 167 56.86 5.08 16.23
CA GLY C 167 56.35 3.73 16.10
C GLY C 167 56.98 2.70 17.01
N ALA C 168 57.93 3.09 17.86
CA ALA C 168 58.54 2.15 18.79
C ALA C 168 57.62 1.83 19.96
N LEU C 169 56.85 2.81 20.42
CA LEU C 169 55.88 2.61 21.49
C LEU C 169 54.56 2.18 20.88
N THR C 170 54.20 0.92 21.07
CA THR C 170 52.96 0.37 20.53
C THR C 170 52.03 -0.21 21.58
N SER C 171 52.52 -0.55 22.77
CA SER C 171 51.69 -1.15 23.79
C SER C 171 50.87 -0.09 24.52
N GLY C 172 49.62 -0.43 24.81
CA GLY C 172 48.75 0.45 25.59
C GLY C 172 48.28 1.70 24.87
N VAL C 173 48.46 1.77 23.55
CA VAL C 173 48.11 2.97 22.79
C VAL C 173 46.65 2.86 22.33
N HIS C 174 45.91 3.94 22.50
CA HIS C 174 44.50 4.01 22.08
C HIS C 174 44.31 5.30 21.30
N THR C 175 44.24 5.19 19.98
CA THR C 175 43.95 6.32 19.10
C THR C 175 42.45 6.34 18.81
N PHE C 176 41.77 7.40 19.25
CA PHE C 176 40.32 7.45 19.18
C PHE C 176 39.85 7.87 17.80
N PRO C 177 38.65 7.45 17.39
CA PRO C 177 38.09 7.94 16.13
C PRO C 177 37.81 9.44 16.20
N ALA C 178 38.04 10.12 15.08
CA ALA C 178 37.88 11.56 15.03
C ALA C 178 36.41 11.95 15.21
N VAL C 179 36.21 13.18 15.69
CA VAL C 179 34.89 13.78 15.81
C VAL C 179 34.84 15.01 14.91
N LEU C 180 33.71 15.19 14.24
CA LEU C 180 33.48 16.35 13.40
C LEU C 180 32.89 17.47 14.26
N GLN C 181 33.62 18.58 14.36
CA GLN C 181 33.19 19.69 15.19
C GLN C 181 32.18 20.57 14.46
N SER C 182 31.61 21.52 15.19
CA SER C 182 30.64 22.43 14.61
C SER C 182 31.26 23.38 13.60
N SER C 183 32.59 23.50 13.59
CA SER C 183 33.28 24.39 12.66
C SER C 183 33.63 23.71 11.34
N GLY C 184 33.40 22.41 11.21
CA GLY C 184 33.80 21.66 10.05
C GLY C 184 35.14 20.97 10.16
N LEU C 185 35.94 21.34 11.17
CA LEU C 185 37.22 20.69 11.39
C LEU C 185 37.05 19.45 12.24
N TYR C 186 38.03 18.56 12.17
CA TYR C 186 38.01 17.32 12.94
C TYR C 186 38.88 17.44 14.19
N SER C 187 38.59 16.58 15.17
CA SER C 187 39.33 16.55 16.41
C SER C 187 39.58 15.09 16.80
N LEU C 188 40.79 14.83 17.31
CA LEU C 188 41.20 13.47 17.65
C LEU C 188 42.06 13.51 18.90
N SER C 189 42.00 12.41 19.67
CA SER C 189 42.82 12.23 20.86
C SER C 189 43.42 10.84 20.84
N SER C 190 44.72 10.75 21.11
CA SER C 190 45.44 9.47 21.15
C SER C 190 46.19 9.39 22.47
N VAL C 191 45.76 8.48 23.34
CA VAL C 191 46.33 8.33 24.67
C VAL C 191 47.12 7.03 24.73
N VAL C 192 47.95 6.92 25.77
CA VAL C 192 48.73 5.71 26.01
C VAL C 192 48.87 5.52 27.52
N THR C 193 48.72 4.28 27.97
CA THR C 193 48.83 3.94 29.38
C THR C 193 50.22 3.34 29.62
N VAL C 194 51.03 4.01 30.43
CA VAL C 194 52.38 3.56 30.71
C VAL C 194 52.48 3.38 32.22
N PRO C 195 53.42 2.55 32.68
CA PRO C 195 53.64 2.44 34.13
C PRO C 195 54.15 3.75 34.71
N SER C 196 53.55 4.17 35.82
CA SER C 196 53.90 5.46 36.41
C SER C 196 55.36 5.53 36.84
N SER C 197 55.97 4.38 37.15
CA SER C 197 57.37 4.35 37.56
C SER C 197 58.33 4.74 36.44
N SER C 198 57.88 4.67 35.18
CA SER C 198 58.70 5.06 34.04
C SER C 198 58.56 6.55 33.69
N LEU C 199 57.68 7.28 34.37
CA LEU C 199 57.47 8.68 34.05
C LEU C 199 58.71 9.52 34.32
N GLY C 200 59.52 9.14 35.31
CA GLY C 200 60.63 9.98 35.71
C GLY C 200 61.77 10.02 34.71
N THR C 201 61.97 8.94 33.96
CA THR C 201 63.10 8.83 33.06
C THR C 201 62.71 8.63 31.60
N GLN C 202 61.74 7.77 31.31
CA GLN C 202 61.37 7.49 29.92
C GLN C 202 60.64 8.68 29.32
N THR C 203 61.03 9.02 28.09
CA THR C 203 60.44 10.14 27.37
C THR C 203 59.49 9.61 26.28
N TYR C 204 58.36 10.28 26.15
CA TYR C 204 57.30 9.87 25.23
C TYR C 204 57.00 11.00 24.26
N ILE C 205 56.91 10.67 22.97
CA ILE C 205 56.67 11.64 21.91
C ILE C 205 55.60 11.08 20.98
N CYS C 206 54.53 11.85 20.76
CA CYS C 206 53.51 11.50 19.79
C CYS C 206 53.85 12.14 18.45
N ASN C 207 53.67 11.38 17.37
CA ASN C 207 53.99 11.83 16.02
C ASN C 207 52.70 11.88 15.21
N VAL C 208 52.27 13.09 14.86
CA VAL C 208 51.03 13.30 14.11
C VAL C 208 51.40 13.71 12.69
N ASN C 209 51.04 12.87 11.73
CA ASN C 209 51.31 13.13 10.32
C ASN C 209 49.98 13.32 9.59
N HIS C 210 49.88 14.43 8.85
CA HIS C 210 48.67 14.81 8.13
C HIS C 210 49.03 14.95 6.66
N LYS C 211 48.85 13.87 5.90
CA LYS C 211 49.19 13.88 4.48
C LYS C 211 48.43 14.93 3.68
N PRO C 212 47.10 15.11 3.84
CA PRO C 212 46.41 16.09 2.98
C PRO C 212 46.89 17.53 3.16
N SER C 213 47.65 17.84 4.20
CA SER C 213 48.23 19.17 4.37
C SER C 213 49.75 19.16 4.41
N ASN C 214 50.39 18.04 4.17
CA ASN C 214 51.85 17.91 4.27
C ASN C 214 52.35 18.40 5.63
N THR C 215 51.65 18.02 6.69
CA THR C 215 51.95 18.47 8.04
C THR C 215 52.46 17.30 8.87
N LYS C 216 53.61 17.49 9.50
CA LYS C 216 54.19 16.50 10.41
C LYS C 216 54.58 17.21 11.70
N VAL C 217 53.99 16.78 12.81
CA VAL C 217 54.19 17.42 14.11
C VAL C 217 54.61 16.37 15.13
N ASP C 218 55.57 16.73 15.98
CA ASP C 218 56.02 15.88 17.07
C ASP C 218 55.97 16.69 18.36
N LYS C 219 55.27 16.16 19.36
CA LYS C 219 55.12 16.82 20.65
C LYS C 219 55.54 15.88 21.76
N LYS C 220 56.44 16.35 22.62
CA LYS C 220 56.87 15.59 23.78
C LYS C 220 55.89 15.80 24.94
N VAL C 221 55.45 14.71 25.54
CA VAL C 221 54.50 14.75 26.65
C VAL C 221 55.27 14.51 27.95
N GLU C 222 55.29 15.51 28.81
CA GLU C 222 56.03 15.44 30.06
C GLU C 222 55.09 15.55 31.25
N PRO C 223 55.45 14.94 32.39
CA PRO C 223 54.59 15.04 33.57
C PRO C 223 54.45 16.48 34.05
N LYS C 224 53.21 16.92 34.23
CA LYS C 224 52.95 18.29 34.63
C LYS C 224 53.28 18.53 36.09
N SER C 225 52.79 17.65 36.97
CA SER C 225 52.99 17.81 38.41
C SER C 225 54.41 17.45 38.82
N ASP D 1 7.09 3.48 2.02
CA ASP D 1 8.28 3.53 2.86
C ASP D 1 8.16 2.54 4.02
N ILE D 2 8.81 1.38 3.87
CA ILE D 2 8.76 0.32 4.87
C ILE D 2 9.99 0.44 5.76
N GLN D 3 9.76 0.65 7.05
CA GLN D 3 10.84 0.81 8.02
C GLN D 3 11.23 -0.55 8.58
N MET D 4 12.53 -0.84 8.56
CA MET D 4 13.09 -2.03 9.18
C MET D 4 13.60 -1.67 10.58
N THR D 5 13.19 -2.44 11.58
CA THR D 5 13.57 -2.18 12.97
C THR D 5 14.04 -3.49 13.60
N GLN D 6 15.33 -3.56 13.92
CA GLN D 6 15.92 -4.75 14.53
C GLN D 6 15.94 -4.62 16.05
N SER D 7 16.03 -5.77 16.71
CA SER D 7 16.09 -5.82 18.17
C SER D 7 16.86 -7.07 18.57
N PRO D 8 17.89 -6.94 19.43
CA PRO D 8 18.35 -5.67 19.96
C PRO D 8 19.29 -4.93 19.02
N SER D 9 19.70 -3.71 19.37
CA SER D 9 20.69 -3.00 18.58
C SER D 9 22.10 -3.55 18.78
N THR D 10 22.36 -4.20 19.92
CA THR D 10 23.65 -4.80 20.20
C THR D 10 23.45 -5.85 21.29
N LEU D 11 24.15 -6.97 21.15
CA LEU D 11 24.06 -8.05 22.12
C LEU D 11 25.43 -8.67 22.33
N SER D 12 25.68 -9.11 23.55
CA SER D 12 26.93 -9.76 23.93
C SER D 12 26.74 -11.27 23.98
N ALA D 13 27.72 -11.99 23.44
CA ALA D 13 27.66 -13.44 23.40
C ALA D 13 29.07 -14.00 23.39
N SER D 14 29.17 -15.31 23.62
CA SER D 14 30.44 -16.02 23.65
C SER D 14 30.44 -17.11 22.58
N VAL D 15 31.64 -17.65 22.32
CA VAL D 15 31.79 -18.71 21.33
C VAL D 15 30.99 -19.93 21.75
N GLY D 16 30.20 -20.47 20.82
CA GLY D 16 29.35 -21.61 21.09
C GLY D 16 27.94 -21.27 21.51
N ASP D 17 27.65 -20.02 21.82
CA ASP D 17 26.31 -19.63 22.23
C ASP D 17 25.36 -19.62 21.03
N ARG D 18 24.08 -19.70 21.32
CA ARG D 18 23.02 -19.64 20.31
C ARG D 18 22.47 -18.23 20.26
N VAL D 19 22.83 -17.48 19.22
CA VAL D 19 22.47 -16.08 19.09
C VAL D 19 21.25 -15.96 18.20
N THR D 20 20.28 -15.14 18.61
CA THR D 20 19.07 -14.90 17.86
C THR D 20 18.87 -13.40 17.68
N ILE D 21 18.63 -12.97 16.44
CA ILE D 21 18.40 -11.58 16.09
C ILE D 21 17.05 -11.47 15.40
N THR D 22 16.21 -10.57 15.90
CA THR D 22 14.86 -10.36 15.37
C THR D 22 14.73 -8.95 14.85
N CYS D 23 14.16 -8.80 13.65
CA CYS D 23 13.88 -7.48 13.09
C CYS D 23 12.44 -7.46 12.57
N ARG D 24 11.72 -6.40 12.90
CA ARG D 24 10.32 -6.25 12.55
C ARG D 24 10.16 -5.39 11.30
N ALA D 25 8.95 -5.40 10.75
CA ALA D 25 8.62 -4.68 9.53
C ALA D 25 7.36 -3.86 9.74
N SER D 26 7.38 -2.60 9.31
CA SER D 26 6.22 -1.74 9.42
C SER D 26 5.07 -2.22 8.55
N GLN D 27 5.36 -2.95 7.48
CA GLN D 27 4.34 -3.53 6.61
C GLN D 27 4.70 -4.97 6.32
N SER D 28 3.73 -5.71 5.79
CA SER D 28 3.96 -7.10 5.41
C SER D 28 4.86 -7.16 4.19
N ILE D 29 6.00 -7.84 4.32
CA ILE D 29 6.94 -8.02 3.22
C ILE D 29 7.00 -9.47 2.76
N SER D 30 6.08 -10.31 3.24
CA SER D 30 5.99 -11.72 2.88
C SER D 30 7.31 -12.39 3.24
N SER D 31 8.01 -13.06 2.32
CA SER D 31 9.30 -13.67 2.59
C SER D 31 10.44 -12.94 1.90
N TRP D 32 10.20 -11.72 1.44
CA TRP D 32 11.22 -10.95 0.72
C TRP D 32 12.06 -10.15 1.71
N LEU D 33 12.85 -10.89 2.49
CA LEU D 33 13.74 -10.31 3.48
C LEU D 33 15.12 -10.96 3.34
N ALA D 34 16.16 -10.14 3.43
CA ALA D 34 17.53 -10.61 3.32
C ALA D 34 18.31 -10.25 4.58
N TRP D 35 19.22 -11.14 4.96
CA TRP D 35 20.11 -10.94 6.10
C TRP D 35 21.54 -10.77 5.61
N TYR D 36 22.25 -9.80 6.18
CA TYR D 36 23.63 -9.53 5.83
C TYR D 36 24.50 -9.55 7.08
N GLN D 37 25.80 -9.73 6.87
CA GLN D 37 26.80 -9.64 7.92
C GLN D 37 27.92 -8.72 7.44
N GLN D 38 28.33 -7.79 8.30
CA GLN D 38 29.37 -6.82 7.96
C GLN D 38 30.38 -6.75 9.10
N LYS D 39 31.63 -7.13 8.81
CA LYS D 39 32.74 -6.89 9.72
C LYS D 39 33.36 -5.53 9.43
N PRO D 40 34.00 -4.91 10.42
CA PRO D 40 34.47 -3.53 10.24
C PRO D 40 35.46 -3.40 9.08
N GLY D 41 35.38 -2.27 8.40
CA GLY D 41 36.24 -1.99 7.27
C GLY D 41 35.96 -2.82 6.04
N LYS D 42 34.87 -3.58 6.02
CA LYS D 42 34.54 -4.46 4.91
C LYS D 42 33.11 -4.19 4.45
N ALA D 43 32.77 -4.76 3.30
CA ALA D 43 31.44 -4.67 2.72
C ALA D 43 30.54 -5.74 3.29
N PRO D 44 29.22 -5.53 3.27
CA PRO D 44 28.30 -6.57 3.73
C PRO D 44 28.41 -7.83 2.88
N ASN D 45 28.05 -8.96 3.50
CA ASN D 45 28.00 -10.25 2.82
C ASN D 45 26.63 -10.85 3.01
N LEU D 46 26.00 -11.25 1.91
CA LEU D 46 24.66 -11.84 1.97
C LEU D 46 24.70 -13.17 2.73
N LEU D 47 23.78 -13.32 3.67
CA LEU D 47 23.68 -14.52 4.49
C LEU D 47 22.45 -15.34 4.13
N ILE D 48 21.26 -14.74 4.20
CA ILE D 48 20.00 -15.42 3.90
C ILE D 48 19.16 -14.50 3.04
N TYR D 49 18.62 -15.03 1.94
CA TYR D 49 17.60 -14.35 1.15
C TYR D 49 16.35 -15.21 1.15
N LYS D 50 15.24 -14.61 0.69
CA LYS D 50 13.94 -15.28 0.68
C LYS D 50 13.59 -15.79 2.07
N ALA D 51 13.84 -14.94 3.08
CA ALA D 51 13.48 -15.21 4.47
C ALA D 51 14.27 -16.35 5.09
N SER D 52 14.38 -17.49 4.39
CA SER D 52 14.99 -18.67 4.99
C SER D 52 16.00 -19.38 4.09
N THR D 53 16.20 -18.93 2.85
CA THR D 53 17.12 -19.61 1.95
C THR D 53 18.56 -19.15 2.21
N LEU D 54 19.44 -20.12 2.40
CA LEU D 54 20.83 -19.84 2.77
C LEU D 54 21.67 -19.55 1.54
N GLU D 55 22.49 -18.50 1.61
CA GLU D 55 23.39 -18.18 0.52
C GLU D 55 24.39 -19.31 0.31
N SER D 56 24.90 -19.40 -0.92
CA SER D 56 25.67 -20.58 -1.34
C SER D 56 26.87 -20.81 -0.43
N GLY D 57 27.70 -19.79 -0.23
CA GLY D 57 28.94 -19.94 0.51
C GLY D 57 28.84 -19.83 2.02
N VAL D 58 27.67 -19.50 2.56
CA VAL D 58 27.50 -19.27 3.98
C VAL D 58 27.43 -20.60 4.73
N PRO D 59 28.13 -20.74 5.86
CA PRO D 59 28.10 -22.01 6.59
C PRO D 59 26.73 -22.30 7.19
N SER D 60 26.56 -23.56 7.59
CA SER D 60 25.27 -24.07 8.06
C SER D 60 24.86 -23.49 9.41
N ARG D 61 25.75 -22.79 10.11
CA ARG D 61 25.37 -22.21 11.40
C ARG D 61 24.24 -21.20 11.25
N PHE D 62 24.30 -20.39 10.20
CA PHE D 62 23.30 -19.34 9.98
C PHE D 62 22.03 -19.94 9.39
N SER D 63 20.89 -19.40 9.81
CA SER D 63 19.61 -19.83 9.27
C SER D 63 18.60 -18.71 9.48
N GLY D 64 17.68 -18.57 8.53
CA GLY D 64 16.65 -17.55 8.59
C GLY D 64 15.29 -18.18 8.80
N SER D 65 14.39 -17.40 9.42
CA SER D 65 13.05 -17.89 9.73
C SER D 65 12.10 -16.70 9.82
N GLY D 66 10.82 -17.00 9.88
CA GLY D 66 9.78 -15.99 9.99
C GLY D 66 9.26 -15.53 8.65
N SER D 67 8.05 -14.96 8.68
CA SER D 67 7.41 -14.45 7.49
C SER D 67 6.41 -13.37 7.88
N GLY D 68 6.14 -12.46 6.95
CA GLY D 68 5.20 -11.38 7.19
C GLY D 68 5.87 -10.10 7.65
N THR D 69 5.79 -9.81 8.96
CA THR D 69 6.40 -8.63 9.53
C THR D 69 7.44 -8.94 10.60
N GLU D 70 7.49 -10.17 11.10
CA GLU D 70 8.43 -10.56 12.15
C GLU D 70 9.37 -11.63 11.59
N PHE D 71 10.67 -11.38 11.66
CA PHE D 71 11.68 -12.27 11.11
C PHE D 71 12.79 -12.47 12.13
N THR D 72 13.53 -13.56 11.97
CA THR D 72 14.56 -13.91 12.94
C THR D 72 15.75 -14.54 12.25
N LEU D 73 16.95 -14.20 12.74
CA LEU D 73 18.21 -14.79 12.30
C LEU D 73 18.82 -15.53 13.48
N THR D 74 19.29 -16.75 13.25
CA THR D 74 19.78 -17.60 14.32
C THR D 74 21.08 -18.28 13.92
N ILE D 75 22.06 -18.25 14.81
CA ILE D 75 23.33 -18.96 14.63
C ILE D 75 23.35 -20.09 15.65
N SER D 76 23.50 -21.33 15.16
CA SER D 76 23.45 -22.49 16.04
C SER D 76 24.61 -22.49 17.03
N SER D 77 25.84 -22.36 16.53
CA SER D 77 27.03 -22.30 17.37
C SER D 77 27.85 -21.09 16.95
N LEU D 78 28.02 -20.15 17.87
CA LEU D 78 28.72 -18.91 17.56
C LEU D 78 30.21 -19.19 17.35
N GLN D 79 30.68 -18.97 16.13
CA GLN D 79 32.07 -19.13 15.74
C GLN D 79 32.84 -17.85 16.04
N PRO D 80 34.13 -17.95 16.38
CA PRO D 80 34.90 -16.74 16.71
C PRO D 80 34.96 -15.72 15.58
N ASP D 81 34.84 -16.14 14.33
CA ASP D 81 34.83 -15.21 13.20
C ASP D 81 33.43 -14.69 12.88
N ASP D 82 32.49 -14.83 13.82
CA ASP D 82 31.12 -14.35 13.63
C ASP D 82 30.81 -13.11 14.46
N PHE D 83 31.82 -12.46 15.04
CA PHE D 83 31.62 -11.23 15.79
C PHE D 83 31.60 -10.07 14.80
N ALA D 84 30.41 -9.62 14.44
CA ALA D 84 30.24 -8.56 13.45
C ALA D 84 28.90 -7.88 13.69
N THR D 85 28.49 -7.07 12.72
CA THR D 85 27.19 -6.41 12.74
C THR D 85 26.31 -7.04 11.67
N TYR D 86 25.07 -7.36 12.02
CA TYR D 86 24.15 -8.06 11.14
C TYR D 86 22.99 -7.16 10.77
N TYR D 87 22.66 -7.11 9.48
CA TYR D 87 21.61 -6.25 8.96
C TYR D 87 20.53 -7.08 8.29
N CYS D 88 19.28 -6.70 8.51
CA CYS D 88 18.14 -7.24 7.77
C CYS D 88 17.65 -6.17 6.80
N GLN D 89 17.24 -6.61 5.61
CA GLN D 89 16.69 -5.70 4.61
C GLN D 89 15.49 -6.35 3.95
N GLN D 90 14.55 -5.50 3.53
CA GLN D 90 13.40 -5.93 2.76
C GLN D 90 13.56 -5.48 1.31
N TYR D 91 13.08 -6.31 0.40
CA TYR D 91 13.03 -5.95 -1.02
C TYR D 91 11.65 -6.23 -1.59
N ASN D 92 10.61 -5.91 -0.81
CA ASN D 92 9.23 -6.00 -1.28
C ASN D 92 8.75 -4.70 -1.90
N SER D 93 9.13 -3.56 -1.31
CA SER D 93 8.79 -2.24 -1.82
C SER D 93 10.05 -1.38 -1.71
N TYR D 94 10.74 -1.20 -2.83
CA TYR D 94 12.05 -0.53 -2.87
C TYR D 94 12.99 -1.32 -1.96
N TRP D 95 13.95 -0.66 -1.31
CA TRP D 95 14.99 -1.36 -0.57
C TRP D 95 15.36 -0.56 0.67
N THR D 96 15.14 -1.14 1.85
CA THR D 96 15.42 -0.48 3.12
C THR D 96 16.07 -1.48 4.07
N PHE D 97 17.01 -0.99 4.87
CA PHE D 97 17.77 -1.81 5.81
C PHE D 97 17.39 -1.49 7.24
N GLY D 98 17.73 -2.40 8.14
CA GLY D 98 17.62 -2.13 9.56
C GLY D 98 18.84 -1.38 10.08
N GLN D 99 18.74 -0.93 11.33
CA GLN D 99 19.84 -0.19 11.92
C GLN D 99 21.05 -1.06 12.21
N GLY D 100 20.86 -2.38 12.28
CA GLY D 100 21.97 -3.29 12.49
C GLY D 100 22.13 -3.75 13.93
N THR D 101 22.32 -5.05 14.12
CA THR D 101 22.57 -5.63 15.43
C THR D 101 24.03 -6.03 15.53
N ARG D 102 24.71 -5.55 16.57
CA ARG D 102 26.12 -5.83 16.78
C ARG D 102 26.27 -7.00 17.74
N VAL D 103 27.18 -7.92 17.41
CA VAL D 103 27.47 -9.08 18.24
C VAL D 103 28.88 -8.89 18.79
N GLU D 104 28.98 -8.54 20.06
CA GLU D 104 30.26 -8.28 20.71
C GLU D 104 30.72 -9.50 21.49
N ILE D 105 31.93 -9.42 22.03
CA ILE D 105 32.50 -10.49 22.86
C ILE D 105 32.16 -10.21 24.31
N LYS D 106 31.38 -11.09 24.93
CA LYS D 106 30.99 -10.91 26.32
C LYS D 106 32.13 -11.32 27.23
N ARG D 107 32.51 -10.42 28.14
CA ARG D 107 33.60 -10.67 29.07
C ARG D 107 33.17 -10.34 30.49
N THR D 108 34.13 -10.37 31.43
CA THR D 108 33.83 -9.96 32.80
C THR D 108 33.70 -8.44 32.88
N VAL D 109 32.89 -7.98 33.84
CA VAL D 109 32.65 -6.56 34.00
C VAL D 109 33.93 -5.87 34.49
N ALA D 110 34.17 -4.66 33.99
CA ALA D 110 35.36 -3.90 34.35
C ALA D 110 35.01 -2.42 34.44
N ALA D 111 35.42 -1.78 35.53
CA ALA D 111 35.20 -0.35 35.72
C ALA D 111 36.20 0.45 34.90
N PRO D 112 35.84 1.66 34.47
CA PRO D 112 36.76 2.47 33.68
C PRO D 112 37.78 3.21 34.53
N SER D 113 39.02 3.23 34.05
CA SER D 113 40.05 4.08 34.62
C SER D 113 39.81 5.50 34.14
N VAL D 114 39.40 6.38 35.06
CA VAL D 114 38.97 7.73 34.71
C VAL D 114 40.12 8.70 34.93
N PHE D 115 40.41 9.50 33.91
CA PHE D 115 41.40 10.57 33.99
C PHE D 115 40.80 11.84 33.40
N ILE D 116 41.25 12.99 33.90
CA ILE D 116 40.78 14.28 33.43
C ILE D 116 42.00 15.16 33.18
N PHE D 117 42.32 15.38 31.91
CA PHE D 117 43.49 16.16 31.53
C PHE D 117 43.09 17.61 31.34
N PRO D 118 43.71 18.55 32.04
CA PRO D 118 43.38 19.97 31.86
C PRO D 118 43.92 20.48 30.54
N PRO D 119 43.41 21.60 30.04
CA PRO D 119 43.92 22.14 28.77
C PRO D 119 45.37 22.59 28.90
N SER D 120 46.13 22.41 27.82
CA SER D 120 47.54 22.77 27.81
C SER D 120 47.70 24.28 27.70
N ASP D 121 48.95 24.73 27.89
CA ASP D 121 49.25 26.15 27.78
C ASP D 121 49.35 26.60 26.32
N GLU D 122 49.73 25.70 25.42
CA GLU D 122 49.77 26.06 24.00
C GLU D 122 48.37 26.36 23.47
N GLN D 123 47.38 25.57 23.88
CA GLN D 123 46.01 25.82 23.45
C GLN D 123 45.42 27.05 24.12
N LEU D 124 45.93 27.43 25.30
CA LEU D 124 45.46 28.65 25.95
C LEU D 124 45.75 29.89 25.13
N LYS D 125 46.75 29.83 24.25
CA LYS D 125 47.03 30.98 23.39
C LYS D 125 45.92 31.19 22.36
N SER D 126 45.31 30.09 21.88
CA SER D 126 44.33 30.19 20.80
C SER D 126 43.03 30.84 21.26
N GLY D 127 42.72 30.78 22.55
CA GLY D 127 41.46 31.30 23.05
C GLY D 127 40.41 30.26 23.33
N THR D 128 40.69 28.99 23.03
CA THR D 128 39.78 27.89 23.31
C THR D 128 40.45 26.92 24.28
N ALA D 129 39.66 26.38 25.21
CA ALA D 129 40.16 25.46 26.22
C ALA D 129 39.46 24.12 26.07
N SER D 130 40.22 23.05 25.91
CA SER D 130 39.69 21.71 25.74
C SER D 130 40.08 20.86 26.95
N VAL D 131 39.08 20.34 27.66
CA VAL D 131 39.28 19.40 28.75
C VAL D 131 38.91 18.01 28.25
N VAL D 132 39.67 17.01 28.66
CA VAL D 132 39.50 15.64 28.15
C VAL D 132 39.29 14.71 29.35
N CYS D 133 38.16 14.01 29.35
CA CYS D 133 37.85 12.99 30.36
C CYS D 133 38.02 11.63 29.69
N LEU D 134 39.01 10.86 30.14
CA LEU D 134 39.37 9.60 29.52
C LEU D 134 38.88 8.43 30.35
N LEU D 135 38.21 7.49 29.70
CA LEU D 135 37.79 6.24 30.30
C LEU D 135 38.50 5.10 29.57
N ASN D 136 39.17 4.22 30.31
CA ASN D 136 40.05 3.23 29.73
C ASN D 136 39.64 1.82 30.15
N ASN D 137 39.42 0.96 29.16
CA ASN D 137 39.23 -0.48 29.36
C ASN D 137 38.07 -0.77 30.32
N PHE D 138 36.87 -0.41 29.89
CA PHE D 138 35.66 -0.67 30.67
C PHE D 138 34.70 -1.56 29.88
N TYR D 139 33.93 -2.35 30.62
CA TYR D 139 32.91 -3.22 30.06
C TYR D 139 31.72 -3.21 31.00
N PRO D 140 30.49 -3.16 30.47
CA PRO D 140 30.15 -3.14 29.05
C PRO D 140 30.35 -1.78 28.39
N ARG D 141 29.86 -1.65 27.15
CA ARG D 141 30.02 -0.40 26.42
C ARG D 141 29.23 0.74 27.06
N GLU D 142 28.11 0.42 27.70
CA GLU D 142 27.24 1.45 28.25
C GLU D 142 27.94 2.25 29.34
N ALA D 143 28.05 3.55 29.13
CA ALA D 143 28.66 4.46 30.09
C ALA D 143 28.20 5.87 29.77
N LYS D 144 28.14 6.71 30.80
CA LYS D 144 27.71 8.09 30.66
C LYS D 144 28.66 9.01 31.40
N VAL D 145 28.93 10.17 30.81
CA VAL D 145 29.84 11.17 31.36
C VAL D 145 29.10 12.49 31.44
N GLN D 146 29.19 13.17 32.59
CA GLN D 146 28.52 14.43 32.82
C GLN D 146 29.55 15.47 33.24
N TRP D 147 29.62 16.57 32.50
CA TRP D 147 30.51 17.67 32.82
C TRP D 147 29.80 18.68 33.72
N LYS D 148 30.44 19.02 34.84
CA LYS D 148 29.87 19.94 35.82
C LYS D 148 30.90 21.02 36.14
N VAL D 149 30.88 22.11 35.36
CA VAL D 149 31.67 23.29 35.71
C VAL D 149 31.10 23.87 36.99
N ASP D 150 31.94 23.97 38.02
CA ASP D 150 31.50 24.30 39.37
C ASP D 150 30.45 23.30 39.82
N ASN D 151 29.19 23.73 39.94
CA ASN D 151 28.09 22.85 40.29
C ASN D 151 27.00 22.82 39.23
N ALA D 152 27.26 23.39 38.06
CA ALA D 152 26.29 23.45 36.98
C ALA D 152 26.70 22.51 35.85
N LEU D 153 25.72 21.79 35.32
CA LEU D 153 25.97 20.82 34.27
C LEU D 153 26.24 21.52 32.94
N GLN D 154 26.69 20.73 31.97
CA GLN D 154 26.96 21.21 30.62
C GLN D 154 26.07 20.46 29.64
N SER D 155 25.59 21.18 28.61
CA SER D 155 24.60 20.62 27.70
C SER D 155 25.22 20.10 26.41
N GLY D 156 25.58 21.01 25.50
CA GLY D 156 26.06 20.60 24.19
C GLY D 156 27.38 21.22 23.79
N ASN D 157 28.35 21.23 24.71
CA ASN D 157 29.69 21.73 24.44
C ASN D 157 30.74 20.64 24.63
N SER D 158 30.40 19.39 24.33
CA SER D 158 31.31 18.28 24.51
C SER D 158 31.01 17.21 23.48
N GLN D 159 32.05 16.52 23.04
CA GLN D 159 31.95 15.41 22.11
C GLN D 159 32.66 14.19 22.67
N GLU D 160 32.29 13.02 22.16
CA GLU D 160 32.81 11.76 22.68
C GLU D 160 33.18 10.84 21.52
N SER D 161 34.19 10.00 21.75
CA SER D 161 34.61 8.98 20.79
C SER D 161 34.85 7.68 21.55
N VAL D 162 34.36 6.58 21.00
CA VAL D 162 34.52 5.26 21.59
C VAL D 162 35.35 4.41 20.64
N THR D 163 36.42 3.81 21.17
CA THR D 163 37.21 2.88 20.39
C THR D 163 36.44 1.57 20.20
N GLU D 164 36.89 0.79 19.22
CA GLU D 164 36.30 -0.53 19.02
C GLU D 164 36.70 -1.48 20.14
N GLN D 165 36.00 -2.60 20.22
CA GLN D 165 36.33 -3.60 21.24
C GLN D 165 37.72 -4.16 20.99
N ASP D 166 38.56 -4.12 22.03
CA ASP D 166 39.95 -4.50 21.87
C ASP D 166 40.08 -5.96 21.47
N SER D 167 41.19 -6.29 20.80
CA SER D 167 41.37 -7.64 20.29
C SER D 167 41.68 -8.61 21.42
N LYS D 168 42.48 -8.18 22.40
CA LYS D 168 42.92 -9.06 23.48
C LYS D 168 41.98 -9.00 24.69
N ASP D 169 41.92 -7.86 25.36
CA ASP D 169 41.11 -7.73 26.56
C ASP D 169 39.62 -7.56 26.26
N SER D 170 39.26 -7.24 25.01
CA SER D 170 37.87 -7.11 24.60
C SER D 170 37.14 -6.03 25.40
N THR D 171 37.80 -4.90 25.59
CA THR D 171 37.25 -3.79 26.38
C THR D 171 37.04 -2.58 25.49
N TYR D 172 36.44 -1.54 26.09
CA TYR D 172 36.13 -0.30 25.40
C TYR D 172 36.81 0.87 26.11
N SER D 173 37.05 1.94 25.35
CA SER D 173 37.66 3.14 25.88
C SER D 173 36.93 4.36 25.33
N LEU D 174 36.67 5.34 26.19
CA LEU D 174 35.90 6.53 25.84
C LEU D 174 36.73 7.78 26.06
N SER D 175 36.57 8.76 25.18
CA SER D 175 37.29 10.03 25.25
C SER D 175 36.28 11.17 25.05
N SER D 176 35.90 11.81 26.15
CA SER D 176 35.03 12.98 26.09
C SER D 176 35.88 14.25 26.06
N THR D 177 35.47 15.21 25.23
CA THR D 177 36.24 16.44 25.02
C THR D 177 35.31 17.63 25.23
N LEU D 178 35.44 18.28 26.39
CA LEU D 178 34.69 19.50 26.68
C LEU D 178 35.47 20.71 26.17
N THR D 179 34.81 21.53 25.36
CA THR D 179 35.44 22.68 24.72
C THR D 179 34.77 23.96 25.19
N LEU D 180 35.54 24.81 25.87
CA LEU D 180 35.10 26.12 26.31
C LEU D 180 36.01 27.19 25.73
N SER D 181 35.58 28.43 25.83
CA SER D 181 36.42 29.56 25.48
C SER D 181 37.33 29.92 26.64
N LYS D 182 38.47 30.53 26.32
CA LYS D 182 39.41 30.93 27.37
C LYS D 182 38.77 31.93 28.33
N ALA D 183 37.93 32.82 27.81
CA ALA D 183 37.20 33.73 28.68
C ALA D 183 36.26 32.99 29.61
N ASP D 184 35.68 31.88 29.15
CA ASP D 184 34.82 31.08 30.00
C ASP D 184 35.62 30.13 30.89
N TYR D 185 36.82 29.74 30.44
CA TYR D 185 37.65 28.85 31.25
C TYR D 185 38.25 29.60 32.44
N GLU D 186 38.77 30.81 32.21
CA GLU D 186 39.35 31.61 33.27
C GLU D 186 38.31 32.23 34.19
N LYS D 187 37.02 32.05 33.90
CA LYS D 187 35.97 32.64 34.71
C LYS D 187 35.50 31.72 35.84
N HIS D 188 35.67 30.42 35.69
CA HIS D 188 35.22 29.45 36.67
C HIS D 188 36.40 28.73 37.29
N LYS D 189 36.16 28.10 38.44
CA LYS D 189 37.20 27.46 39.24
C LYS D 189 37.14 25.94 39.21
N VAL D 190 35.95 25.35 39.32
CA VAL D 190 35.80 23.91 39.46
C VAL D 190 35.39 23.31 38.13
N TYR D 191 36.09 22.24 37.72
CA TYR D 191 35.79 21.52 36.51
C TYR D 191 35.85 20.02 36.81
N ALA D 192 34.76 19.31 36.49
CA ALA D 192 34.64 17.91 36.83
C ALA D 192 33.90 17.16 35.73
N CYS D 193 34.22 15.87 35.60
CA CYS D 193 33.45 14.95 34.76
C CYS D 193 33.03 13.77 35.61
N GLU D 194 31.72 13.55 35.70
CA GLU D 194 31.15 12.47 36.49
C GLU D 194 30.80 11.30 35.58
N VAL D 195 31.29 10.11 35.93
CA VAL D 195 31.18 8.93 35.09
C VAL D 195 30.30 7.91 35.79
N THR D 196 29.25 7.46 35.11
CA THR D 196 28.35 6.42 35.59
C THR D 196 28.57 5.15 34.79
N HIS D 197 28.79 4.03 35.49
CA HIS D 197 29.07 2.76 34.85
C HIS D 197 28.70 1.64 35.80
N GLN D 198 28.48 0.45 35.25
CA GLN D 198 28.12 -0.70 36.08
C GLN D 198 29.28 -1.17 36.94
N GLY D 199 30.52 -0.95 36.48
CA GLY D 199 31.67 -1.37 37.28
C GLY D 199 31.77 -0.61 38.59
N LEU D 200 31.53 0.69 38.56
CA LEU D 200 31.56 1.50 39.77
C LEU D 200 30.19 1.46 40.45
N SER D 201 30.21 1.28 41.78
CA SER D 201 28.96 1.22 42.53
C SER D 201 28.33 2.59 42.74
N SER D 202 29.10 3.66 42.53
CA SER D 202 28.62 5.02 42.66
C SER D 202 29.39 5.88 41.67
N PRO D 203 28.75 6.90 41.09
CA PRO D 203 29.43 7.70 40.04
C PRO D 203 30.76 8.28 40.48
N VAL D 204 31.83 7.83 39.83
CA VAL D 204 33.18 8.32 40.14
C VAL D 204 33.39 9.66 39.43
N THR D 205 33.96 10.62 40.16
CA THR D 205 34.19 11.96 39.64
C THR D 205 35.65 12.32 39.78
N LYS D 206 36.32 12.54 38.64
CA LYS D 206 37.69 13.04 38.61
C LYS D 206 37.65 14.50 38.15
N SER D 207 38.31 15.37 38.93
CA SER D 207 38.17 16.81 38.75
C SER D 207 39.51 17.49 39.00
N PHE D 208 39.52 18.81 38.83
CA PHE D 208 40.69 19.64 39.08
C PHE D 208 40.22 21.07 39.26
N ASN D 209 41.11 21.90 39.80
CA ASN D 209 40.87 23.33 39.95
C ASN D 209 41.77 24.11 39.00
N ARG D 210 41.27 25.25 38.53
CA ARG D 210 42.00 26.04 37.57
C ARG D 210 43.32 26.53 38.16
N GLY D 211 44.42 26.15 37.52
CA GLY D 211 45.74 26.52 37.99
C GLY D 211 46.73 25.39 37.94
N ASN E 3 0.05 -11.96 -23.21
CA ASN E 3 -0.64 -12.29 -21.96
C ASN E 3 -1.27 -11.05 -21.35
N PRO E 4 -2.61 -10.95 -21.43
CA PRO E 4 -3.28 -9.78 -20.87
C PRO E 4 -3.29 -9.75 -19.35
N ASN E 5 -3.17 -10.90 -18.69
CA ASN E 5 -3.23 -10.97 -17.23
C ASN E 5 -1.88 -10.75 -16.57
N ALA E 6 -0.86 -10.36 -17.32
CA ALA E 6 0.42 -10.03 -16.73
C ALA E 6 0.30 -8.75 -15.90
N ASN E 7 1.36 -8.45 -15.13
CA ASN E 7 1.37 -7.33 -14.20
C ASN E 7 1.22 -6.01 -14.94
N PRO E 8 0.09 -5.31 -14.76
CA PRO E 8 -0.09 -4.00 -15.40
C PRO E 8 0.40 -2.83 -14.58
N ASN E 9 0.91 -3.07 -13.38
CA ASN E 9 1.35 -2.01 -12.49
C ASN E 9 2.85 -1.74 -12.66
N ALA E 10 3.30 -0.62 -12.14
CA ALA E 10 4.72 -0.32 -12.07
C ALA E 10 5.34 -1.09 -10.92
N ASN E 11 6.45 -1.78 -11.18
CA ASN E 11 7.11 -2.61 -10.18
C ASN E 11 8.61 -2.32 -10.20
N PRO E 12 9.09 -1.45 -9.31
CA PRO E 12 10.54 -1.23 -9.22
C PRO E 12 11.30 -2.46 -8.78
N ASN E 13 10.65 -3.35 -8.03
CA ASN E 13 11.28 -4.57 -7.53
C ASN E 13 11.10 -5.75 -8.47
N ALA E 14 10.71 -5.51 -9.72
CA ALA E 14 10.62 -6.57 -10.70
C ALA E 14 12.03 -7.03 -11.09
N ASN E 15 12.08 -8.07 -11.91
CA ASN E 15 13.36 -8.66 -12.30
C ASN E 15 14.20 -7.67 -13.11
N PRO E 16 15.31 -7.15 -12.58
CA PRO E 16 16.15 -6.22 -13.34
C PRO E 16 17.19 -6.90 -14.21
N ASN E 17 17.25 -8.23 -14.21
CA ASN E 17 18.27 -8.99 -14.92
C ASN E 17 17.77 -9.38 -16.30
N ALA E 18 18.64 -10.05 -17.06
CA ALA E 18 18.31 -10.50 -18.41
C ALA E 18 17.74 -11.91 -18.36
N ASN E 19 16.66 -12.12 -19.10
CA ASN E 19 16.01 -13.42 -19.15
C ASN E 19 16.40 -14.18 -20.42
#